data_7D3K
#
_entry.id   7D3K
#
_cell.length_a   1.00
_cell.length_b   1.00
_cell.length_c   1.00
_cell.angle_alpha   90.00
_cell.angle_beta   90.00
_cell.angle_gamma   90.00
#
_symmetry.space_group_name_H-M   'P 1'
#
loop_
_entity.id
_entity.type
_entity.pdbx_description
1 polymer 'O/TIBET/99 VP1'
2 polymer 'O/TIBET/99 VP2'
3 polymer 'O/TIBET/99 VP3'
4 polymer 'O/TIBET/99 VP4'
5 polymer 'B77 VH'
6 polymer 'B77 VL'
#
loop_
_entity_poly.entity_id
_entity_poly.type
_entity_poly.pdbx_seq_one_letter_code
_entity_poly.pdbx_strand_id
1 'polypeptide(L)'
;TTSTGESADPVTATVENYGGETQVQRRQHTDVSFILDRFVKVTPKDQINVLDLMQTPAHTLVGALLRTATYYFADLEVAV
KHEGNLTWVPNGAPETALDNTTNPTAYHKAPLTRLALPYTAPHRVLATVYNGNCKYGESPVTNARGDLQVLAQKAARALP
TSFNYGAIKATRVTELLYRMKRAETYCPRPLLAIHPSEARHKQKIVAPVKQLL
;
1
2 'polypeptide(L)'
;DKKTEETTLLEDRILTTRNGHTTSTTQSSVGVTYGYATAEDFVSGPNTSGLETRVVQAERFFKTHLFDWVTSDPFGRCYQ
LELPTDHKGVYGSLTDSYAYMRNGWDVEVTAVGNQFNGGCLLVAMVPELCSIDKRGLYQLTLFPHQFINPRTNMTAHITV
PFVGVNRYDQYKVHKPWTLVVMVVAPLTVNTEGAPQIKVYANIAPTNVHVAGEFPSKE
;
2
3 'polypeptide(L)'
;GIFPVACSDGYGGLVTTDPKTADPAYGKVFNPPRNMLPGRFTNFLDVAEACPTFLHFEGDVPYVTTKTDSDRVLAQFDLS
LAAKHMSNTFLAGLAQYYTQYSGTINLHFMFTGPTDAKARYMIAYAPPGMEPPKTPEAAAHCIHAEWDTGLNSKFTFSIP
YLSAADYAYTASDAAETTNVQGWVCLFQITHGKADGDALVVLASAGKDFELRLPVDARTQ
;
3
4 'polypeptide(L)'
;GAGQSSPATGSQNQSGNTGSIINNYYMQQYQNSMDTQLGDNAISGGSNEGSTDTTSTHTTNTQNNDWFSKLASSAFSGLF
GALLA
;
4
5 'polypeptide(L)'
;QVQLRESGPSLVKPSQTLSLTCTISGFSLSSYTIGWVRQAPGKALEWIGDMSNGGMPYYNPALKSRLSITKHNSKSQVRL
SVSSVTPEDTATYYCAKSRYTGDGSIGLYGVDAWGQGLLITVSS
;
H
6 'polypeptide(L)'
;WAQAVLTQPSSVSGSLGQRVSITCSGTYSNVGTGNYVSWFQQIPGSAPRTLIYSVTNRASGVPDRFSGSRSGHTATLTIS
SLQAEDEADYFCLSWQSGNTALFGSGTTLTVLGDYKDDDDKGG
;
L
#
# COMPACT_ATOMS: atom_id res chain seq x y z
N THR A 2 -4.63 30.01 23.07
CA THR A 2 -3.61 29.23 23.76
C THR A 2 -2.45 28.90 22.82
N SER A 3 -2.14 29.87 21.96
CA SER A 3 -0.98 29.82 21.07
C SER A 3 -0.76 28.61 20.18
N THR A 4 -1.79 28.17 19.45
CA THR A 4 -1.58 27.03 18.56
C THR A 4 -0.50 27.49 17.58
N GLY A 5 0.53 26.68 17.40
CA GLY A 5 1.64 27.02 16.53
C GLY A 5 1.59 26.40 15.16
N GLU A 6 0.48 25.73 14.84
CA GLU A 6 0.36 25.07 13.55
C GLU A 6 1.23 23.82 13.60
N SER A 7 1.49 23.38 14.83
CA SER A 7 2.21 22.15 15.14
C SER A 7 1.34 20.94 14.82
N ALA A 8 0.05 21.08 15.14
CA ALA A 8 -0.96 20.04 14.97
C ALA A 8 -0.86 19.04 16.12
N ASP A 9 -0.09 19.42 17.13
CA ASP A 9 0.10 18.60 18.32
C ASP A 9 -1.17 18.76 19.16
N PRO A 10 -1.53 17.67 19.93
CA PRO A 10 -2.78 17.86 20.70
C PRO A 10 -2.68 18.97 21.73
N VAL A 11 -3.66 19.86 21.73
CA VAL A 11 -3.77 20.96 22.68
C VAL A 11 -5.23 21.07 23.10
N THR A 12 -5.52 20.97 24.41
CA THR A 12 -6.91 21.06 24.86
C THR A 12 -7.12 22.04 26.01
N ALA A 13 -8.06 22.98 25.82
CA ALA A 13 -8.39 23.99 26.86
C ALA A 13 -8.97 23.25 28.07
N THR A 14 -9.86 22.28 27.82
CA THR A 14 -10.54 21.40 28.80
C THR A 14 -11.58 22.17 29.63
N VAL A 15 -12.01 23.35 29.17
CA VAL A 15 -13.04 24.17 29.89
C VAL A 15 -12.58 24.40 31.34
N GLU A 16 -11.31 24.77 31.55
CA GLU A 16 -10.76 24.98 32.91
C GLU A 16 -10.48 26.48 33.11
N ASN A 17 -9.85 27.11 32.12
CA ASN A 17 -9.49 28.53 32.22
C ASN A 17 -10.56 29.51 32.69
N TYR A 18 -11.79 29.38 32.19
CA TYR A 18 -12.81 30.31 32.61
C TYR A 18 -13.79 29.83 33.70
N GLY A 19 -14.32 28.62 33.58
CA GLY A 19 -15.26 28.15 34.58
C GLY A 19 -15.10 26.81 35.26
N GLY A 20 -15.05 26.86 36.58
CA GLY A 20 -14.97 25.68 37.43
C GLY A 20 -13.89 24.65 37.13
N GLU A 21 -14.32 23.40 37.14
CA GLU A 21 -13.47 22.25 36.86
C GLU A 21 -14.29 21.25 36.08
N THR A 22 -13.62 20.35 35.37
CA THR A 22 -14.32 19.37 34.57
C THR A 22 -14.85 18.22 35.42
N GLN A 23 -16.10 17.87 35.21
CA GLN A 23 -16.61 16.62 35.77
C GLN A 23 -15.78 15.46 35.24
N VAL A 24 -15.64 14.41 36.06
CA VAL A 24 -14.69 13.35 35.76
C VAL A 24 -15.07 12.66 34.46
N GLN A 25 -14.09 12.51 33.58
CA GLN A 25 -14.29 11.87 32.28
C GLN A 25 -13.98 10.39 32.43
N ARG A 26 -15.02 9.55 32.39
CA ARG A 26 -14.84 8.11 32.39
C ARG A 26 -14.88 7.60 30.95
N ARG A 27 -13.79 7.85 30.22
CA ARG A 27 -13.71 7.44 28.82
C ARG A 27 -13.57 5.93 28.93
N GLN A 28 -14.71 5.26 28.87
CA GLN A 28 -14.88 3.84 29.14
C GLN A 28 -16.19 3.46 28.48
N HIS A 29 -16.30 2.21 28.08
CA HIS A 29 -17.42 1.61 27.30
C HIS A 29 -17.23 1.93 25.82
N THR A 30 -16.18 2.64 25.43
CA THR A 30 -15.85 2.71 24.00
C THR A 30 -14.38 2.60 24.44
N ASP A 31 -13.74 1.46 24.25
CA ASP A 31 -12.28 1.43 24.34
C ASP A 31 -12.39 0.32 23.30
N VAL A 32 -11.34 0.18 22.50
CA VAL A 32 -11.43 -0.63 21.28
C VAL A 32 -11.79 -2.07 21.60
N SER A 33 -11.16 -2.65 22.62
CA SER A 33 -11.37 -4.06 22.93
C SER A 33 -12.82 -4.41 23.22
N PHE A 34 -13.68 -3.42 23.45
CA PHE A 34 -15.06 -3.69 23.80
C PHE A 34 -16.05 -3.53 22.65
N ILE A 35 -15.97 -2.45 21.89
CA ILE A 35 -16.97 -2.19 20.85
C ILE A 35 -16.77 -3.08 19.64
N LEU A 36 -15.77 -3.96 19.64
CA LEU A 36 -15.60 -4.92 18.58
C LEU A 36 -16.17 -6.29 18.93
N ASP A 37 -16.99 -6.38 19.97
CA ASP A 37 -17.60 -7.64 20.38
C ASP A 37 -19.02 -7.80 19.85
N ARG A 38 -19.74 -6.70 19.67
CA ARG A 38 -21.08 -6.76 19.08
C ARG A 38 -21.06 -7.62 17.83
N PHE A 39 -22.06 -8.49 17.70
CA PHE A 39 -22.21 -9.29 16.48
C PHE A 39 -22.68 -8.59 15.26
N VAL A 40 -22.07 -8.92 14.13
CA VAL A 40 -22.52 -8.35 12.83
C VAL A 40 -23.07 -9.34 11.83
N LYS A 41 -24.19 -8.96 11.23
CA LYS A 41 -24.74 -9.74 10.13
C LYS A 41 -23.89 -9.52 8.90
N VAL A 42 -23.73 -10.58 8.11
CA VAL A 42 -22.92 -10.53 6.90
C VAL A 42 -23.70 -11.21 5.79
N THR A 43 -23.77 -10.55 4.63
CA THR A 43 -24.43 -11.15 3.48
C THR A 43 -23.80 -12.51 3.19
N PRO A 44 -24.54 -13.60 3.33
CA PRO A 44 -23.92 -14.92 3.21
C PRO A 44 -23.95 -15.46 1.79
N LYS A 45 -22.99 -16.32 1.48
CA LYS A 45 -22.93 -16.98 0.19
C LYS A 45 -23.08 -18.48 0.41
N ASP A 46 -24.01 -19.09 -0.33
CA ASP A 46 -24.34 -20.49 -0.10
C ASP A 46 -23.34 -21.42 -0.76
N GLN A 47 -23.11 -22.57 -0.12
CA GLN A 47 -22.30 -23.69 -0.58
C GLN A 47 -20.79 -23.40 -0.55
N ILE A 48 -20.41 -22.13 -0.35
CA ILE A 48 -19.01 -21.78 -0.13
C ILE A 48 -18.95 -20.31 0.25
N ASN A 49 -17.95 -19.94 1.04
CA ASN A 49 -17.62 -18.55 1.33
C ASN A 49 -16.35 -18.56 2.17
N VAL A 50 -15.61 -17.46 2.10
CA VAL A 50 -14.38 -17.32 2.86
C VAL A 50 -14.65 -16.27 3.92
N LEU A 51 -14.31 -16.57 5.17
CA LEU A 51 -14.56 -15.60 6.22
C LEU A 51 -13.44 -14.59 6.26
N ASP A 52 -13.81 -13.36 5.91
CA ASP A 52 -12.97 -12.13 5.92
C ASP A 52 -13.74 -11.08 6.76
N LEU A 53 -13.06 -10.44 7.72
CA LEU A 53 -13.69 -9.48 8.65
C LEU A 53 -14.27 -8.23 7.97
N MET A 54 -13.58 -7.69 6.97
CA MET A 54 -13.99 -6.43 6.30
C MET A 54 -15.09 -6.72 5.28
N GLN A 55 -15.71 -7.89 5.33
CA GLN A 55 -16.78 -8.25 4.35
C GLN A 55 -18.15 -7.81 4.86
N THR A 56 -18.22 -6.94 5.87
CA THR A 56 -19.53 -6.53 6.39
C THR A 56 -20.13 -5.36 5.61
N PRO A 57 -21.52 -5.23 5.70
CA PRO A 57 -22.05 -4.08 4.94
C PRO A 57 -21.47 -2.78 5.48
N ALA A 58 -21.21 -1.83 4.59
CA ALA A 58 -20.59 -0.57 4.99
C ALA A 58 -21.28 0.02 6.21
N HIS A 59 -22.59 -0.13 6.31
CA HIS A 59 -23.38 0.50 7.35
C HIS A 59 -23.73 -0.53 8.41
N THR A 60 -22.84 -0.69 9.39
CA THR A 60 -23.04 -1.55 10.55
C THR A 60 -21.94 -1.21 11.54
N LEU A 61 -22.21 -1.43 12.84
CA LEU A 61 -21.28 -0.95 13.85
C LEU A 61 -19.90 -1.56 13.73
N VAL A 62 -19.78 -2.86 13.96
CA VAL A 62 -18.47 -3.50 13.91
C VAL A 62 -18.23 -3.90 12.46
N GLY A 63 -19.11 -3.46 11.58
CA GLY A 63 -18.92 -3.66 10.16
C GLY A 63 -18.24 -2.47 9.52
N ALA A 64 -18.22 -1.35 10.25
CA ALA A 64 -17.58 -0.14 9.79
C ALA A 64 -16.52 0.38 10.73
N LEU A 65 -16.51 -0.07 11.99
CA LEU A 65 -15.41 0.33 12.86
C LEU A 65 -14.18 -0.54 12.70
N LEU A 66 -14.06 -1.26 11.58
CA LEU A 66 -12.77 -1.86 11.24
C LEU A 66 -11.98 -0.97 10.30
N ARG A 67 -12.62 -0.46 9.25
CA ARG A 67 -11.94 0.44 8.35
C ARG A 67 -11.46 1.70 9.05
N THR A 68 -11.82 1.89 10.32
CA THR A 68 -11.14 2.89 11.13
C THR A 68 -9.73 2.47 11.49
N ALA A 69 -9.39 1.19 11.29
CA ALA A 69 -8.09 0.66 11.66
C ALA A 69 -7.43 0.08 10.42
N THR A 70 -6.23 0.54 10.10
CA THR A 70 -5.51 -0.03 8.98
C THR A 70 -5.16 -1.49 9.24
N TYR A 71 -4.78 -1.80 10.47
CA TYR A 71 -4.42 -3.16 10.84
C TYR A 71 -5.19 -3.57 12.08
N TYR A 72 -5.43 -4.87 12.22
CA TYR A 72 -6.28 -5.37 13.30
C TYR A 72 -5.92 -6.80 13.59
N PHE A 73 -5.54 -7.07 14.84
CA PHE A 73 -5.36 -8.42 15.33
C PHE A 73 -6.71 -8.93 15.78
N ALA A 74 -6.99 -10.21 15.55
CA ALA A 74 -8.35 -10.67 15.77
C ALA A 74 -8.37 -12.13 16.20
N ASP A 75 -9.54 -12.54 16.70
CA ASP A 75 -9.82 -13.92 17.08
C ASP A 75 -11.30 -13.90 16.69
N LEU A 76 -11.69 -14.83 15.82
CA LEU A 76 -12.96 -14.75 15.14
C LEU A 76 -13.80 -15.87 15.74
N GLU A 77 -15.05 -15.56 16.05
CA GLU A 77 -16.01 -16.51 16.63
C GLU A 77 -17.22 -16.58 15.70
N VAL A 78 -17.14 -17.45 14.72
CA VAL A 78 -18.22 -17.59 13.75
C VAL A 78 -19.41 -18.27 14.40
N ALA A 79 -20.61 -18.01 13.87
CA ALA A 79 -21.82 -18.70 14.31
C ALA A 79 -22.78 -18.72 13.13
N VAL A 80 -23.16 -19.93 12.71
CA VAL A 80 -23.88 -20.10 11.45
C VAL A 80 -25.23 -20.74 11.73
N LYS A 81 -26.19 -20.44 10.87
CA LYS A 81 -27.50 -21.11 10.87
C LYS A 81 -27.59 -21.88 9.56
N HIS A 82 -27.10 -23.11 9.58
CA HIS A 82 -26.91 -23.92 8.38
C HIS A 82 -27.63 -25.26 8.40
N GLU A 83 -28.14 -25.64 7.23
CA GLU A 83 -28.76 -26.95 7.02
C GLU A 83 -28.18 -28.35 6.90
N GLY A 84 -26.87 -28.47 6.79
CA GLY A 84 -26.21 -29.75 6.71
C GLY A 84 -24.92 -29.53 7.50
N ASN A 85 -24.11 -30.58 7.53
CA ASN A 85 -22.83 -30.52 8.21
C ASN A 85 -21.92 -29.47 7.58
N LEU A 86 -21.63 -28.41 8.32
CA LEU A 86 -20.72 -27.39 7.81
C LEU A 86 -19.27 -27.79 8.11
N THR A 87 -18.35 -27.20 7.38
CA THR A 87 -16.93 -27.47 7.56
C THR A 87 -16.16 -26.17 7.73
N TRP A 88 -15.01 -26.25 8.41
CA TRP A 88 -14.17 -25.08 8.65
C TRP A 88 -12.74 -25.32 8.18
N VAL A 89 -12.06 -24.27 7.72
CA VAL A 89 -10.70 -24.44 7.23
C VAL A 89 -9.69 -23.43 7.76
N PRO A 90 -8.36 -23.84 7.74
CA PRO A 90 -7.41 -22.86 8.27
C PRO A 90 -7.10 -21.71 7.31
N ASN A 91 -6.43 -20.68 7.82
CA ASN A 91 -6.09 -19.51 7.03
C ASN A 91 -5.20 -19.88 5.85
N GLY A 92 -4.26 -20.81 6.08
CA GLY A 92 -3.37 -21.24 5.02
C GLY A 92 -4.22 -22.24 4.27
N ALA A 93 -5.16 -21.68 3.53
CA ALA A 93 -6.16 -22.44 2.77
C ALA A 93 -5.71 -23.36 1.64
N PRO A 94 -6.37 -24.51 1.61
CA PRO A 94 -6.20 -25.57 0.62
C PRO A 94 -7.55 -25.57 -0.08
N GLU A 95 -7.57 -25.91 -1.37
CA GLU A 95 -8.85 -25.90 -2.15
C GLU A 95 -9.34 -27.35 -2.07
N THR A 96 -10.66 -27.53 -2.03
CA THR A 96 -11.39 -28.84 -2.00
C THR A 96 -10.91 -29.75 -0.86
N ALA A 97 -10.85 -29.22 0.36
CA ALA A 97 -10.47 -30.04 1.53
C ALA A 97 -11.69 -30.19 2.46
N LEU A 98 -12.72 -29.38 2.23
CA LEU A 98 -13.95 -29.41 3.06
C LEU A 98 -14.85 -30.56 2.60
N ASP A 99 -14.65 -31.04 1.37
CA ASP A 99 -15.46 -32.16 0.80
C ASP A 99 -15.24 -33.43 1.63
N ASN A 100 -13.98 -33.67 2.03
CA ASN A 100 -13.61 -34.88 2.81
C ASN A 100 -13.79 -34.62 4.32
N THR A 101 -14.17 -33.39 4.69
CA THR A 101 -14.37 -33.01 6.12
C THR A 101 -13.07 -33.29 6.87
N THR A 102 -13.15 -33.97 8.02
CA THR A 102 -11.94 -34.30 8.83
C THR A 102 -11.10 -33.04 9.03
N ASN A 103 -11.75 -31.86 9.02
CA ASN A 103 -11.05 -30.62 9.18
C ASN A 103 -12.04 -30.32 10.29
N PRO A 104 -11.72 -29.41 11.19
CA PRO A 104 -12.66 -29.05 12.26
C PRO A 104 -14.05 -28.70 11.75
N THR A 105 -15.05 -29.48 12.16
CA THR A 105 -16.45 -29.26 11.72
C THR A 105 -17.41 -29.32 12.90
N ALA A 106 -18.70 -29.05 12.66
CA ALA A 106 -19.73 -29.06 13.71
C ALA A 106 -21.05 -29.61 13.17
N TYR A 107 -21.96 -29.98 14.08
CA TYR A 107 -23.30 -30.52 13.72
C TYR A 107 -24.37 -29.58 14.29
N HIS A 108 -25.59 -29.62 13.76
CA HIS A 108 -26.66 -28.70 14.23
C HIS A 108 -27.40 -29.33 15.42
N LYS A 109 -27.10 -28.85 16.63
CA LYS A 109 -27.77 -29.33 17.87
C LYS A 109 -28.65 -28.21 18.44
N ALA A 110 -28.61 -27.03 17.80
CA ALA A 110 -29.38 -25.85 18.25
C ALA A 110 -29.57 -24.88 17.08
N PRO A 111 -30.42 -23.84 17.20
CA PRO A 111 -30.64 -22.90 16.10
C PRO A 111 -29.34 -22.17 15.72
N LEU A 112 -28.53 -21.80 16.73
CA LEU A 112 -27.25 -21.08 16.48
C LEU A 112 -26.08 -21.94 16.95
N THR A 113 -25.07 -22.12 16.08
CA THR A 113 -23.86 -22.91 16.42
C THR A 113 -22.68 -21.95 16.50
N ARG A 114 -21.89 -22.01 17.58
CA ARG A 114 -20.75 -21.08 17.77
C ARG A 114 -19.41 -21.82 17.60
N LEU A 115 -18.55 -21.32 16.73
CA LEU A 115 -17.20 -21.89 16.47
C LEU A 115 -16.15 -20.85 16.90
N ALA A 116 -15.16 -21.27 17.69
CA ALA A 116 -14.13 -20.32 18.18
C ALA A 116 -12.84 -20.47 17.38
N LEU A 117 -12.88 -20.14 16.08
CA LEU A 117 -11.69 -20.24 15.25
C LEU A 117 -10.58 -19.41 15.87
N PRO A 118 -9.43 -20.00 16.17
CA PRO A 118 -8.30 -19.20 16.63
C PRO A 118 -7.67 -18.45 15.48
N TYR A 119 -6.74 -17.57 15.82
CA TYR A 119 -6.03 -16.80 14.81
C TYR A 119 -5.20 -17.71 13.93
N THR A 120 -5.49 -17.69 12.63
CA THR A 120 -4.84 -18.58 11.69
C THR A 120 -4.10 -17.88 10.57
N ALA A 121 -4.10 -16.55 10.53
CA ALA A 121 -3.51 -15.86 9.39
C ALA A 121 -2.00 -16.04 9.37
N PRO A 122 -1.41 -16.13 8.19
CA PRO A 122 0.05 -16.26 8.11
C PRO A 122 0.94 -15.10 8.51
N HIS A 123 0.39 -13.93 8.74
CA HIS A 123 1.16 -12.79 9.23
C HIS A 123 1.12 -12.39 10.69
N ARG A 124 1.88 -11.33 11.01
CA ARG A 124 1.72 -10.71 12.32
C ARG A 124 0.40 -10.01 12.55
N VAL A 125 -0.08 -9.26 11.57
CA VAL A 125 -1.37 -8.58 11.64
C VAL A 125 -1.98 -8.60 10.25
N LEU A 126 -3.29 -8.72 10.19
CA LEU A 126 -3.98 -8.59 8.91
C LEU A 126 -3.92 -7.16 8.43
N ALA A 127 -4.37 -6.94 7.20
CA ALA A 127 -4.50 -5.61 6.64
C ALA A 127 -5.94 -5.36 6.21
N THR A 128 -6.38 -4.11 6.32
CA THR A 128 -7.69 -3.75 5.80
C THR A 128 -7.62 -3.14 4.42
N VAL A 129 -6.52 -2.46 4.10
CA VAL A 129 -6.23 -2.00 2.74
C VAL A 129 -4.74 -2.21 2.52
N TYR A 130 -4.37 -2.62 1.32
CA TYR A 130 -3.00 -3.04 1.06
C TYR A 130 -2.64 -2.57 -0.35
N ASN A 131 -1.83 -1.53 -0.43
CA ASN A 131 -1.52 -0.90 -1.70
C ASN A 131 -0.87 -1.91 -2.65
N GLY A 132 -0.95 -1.62 -3.94
CA GLY A 132 -0.39 -2.49 -4.95
C GLY A 132 -0.37 -1.89 -6.33
N ARG A 157 -9.80 -1.91 -2.96
CA ARG A 157 -9.54 -2.66 -4.19
C ARG A 157 -9.90 -4.13 -4.01
N ALA A 158 -8.88 -4.93 -3.75
CA ALA A 158 -9.07 -6.35 -3.49
C ALA A 158 -7.84 -6.85 -2.75
N LEU A 159 -8.02 -7.32 -1.53
CA LEU A 159 -6.90 -7.75 -0.72
C LEU A 159 -6.28 -9.02 -1.30
N PRO A 160 -4.97 -9.20 -1.14
CA PRO A 160 -4.34 -10.45 -1.57
C PRO A 160 -4.92 -11.64 -0.82
N THR A 161 -4.75 -12.82 -1.41
CA THR A 161 -5.41 -14.03 -0.90
C THR A 161 -4.93 -14.41 0.48
N SER A 162 -3.99 -13.65 1.05
CA SER A 162 -3.49 -13.96 2.38
C SER A 162 -4.55 -13.69 3.44
N PHE A 163 -5.08 -12.47 3.47
CA PHE A 163 -5.90 -12.01 4.59
C PHE A 163 -7.22 -12.75 4.44
N ASN A 164 -7.37 -13.86 5.16
CA ASN A 164 -8.58 -14.66 5.12
C ASN A 164 -8.56 -15.52 6.37
N TYR A 165 -9.75 -15.86 6.85
CA TYR A 165 -9.90 -16.83 7.94
C TYR A 165 -10.52 -18.09 7.33
N GLY A 166 -9.68 -18.92 6.75
CA GLY A 166 -10.11 -20.17 6.13
C GLY A 166 -11.34 -20.04 5.27
N ALA A 167 -12.34 -20.87 5.51
CA ALA A 167 -13.57 -20.88 4.74
C ALA A 167 -14.56 -21.80 5.43
N ILE A 168 -15.84 -21.61 5.11
CA ILE A 168 -16.89 -22.44 5.70
C ILE A 168 -17.84 -22.93 4.60
N LYS A 169 -18.13 -24.23 4.57
CA LYS A 169 -19.01 -24.72 3.47
C LYS A 169 -19.77 -25.99 3.87
N ALA A 170 -20.96 -25.83 4.46
CA ALA A 170 -21.80 -27.00 4.81
C ALA A 170 -23.22 -26.77 4.28
N THR A 171 -23.70 -27.63 3.39
CA THR A 171 -25.08 -27.51 2.83
C THR A 171 -25.28 -26.09 2.29
N ARG A 172 -26.37 -25.43 2.69
CA ARG A 172 -26.67 -24.03 2.29
C ARG A 172 -26.63 -23.15 3.54
N VAL A 173 -25.89 -22.05 3.49
CA VAL A 173 -25.76 -21.14 4.67
C VAL A 173 -26.86 -20.06 4.63
N THR A 174 -27.54 -19.87 5.76
CA THR A 174 -28.62 -18.89 5.91
C THR A 174 -28.32 -17.48 6.44
N GLU A 175 -27.43 -17.38 7.43
CA GLU A 175 -27.17 -16.11 8.09
C GLU A 175 -25.79 -16.43 8.61
N LEU A 176 -24.94 -15.42 8.71
CA LEU A 176 -23.56 -15.60 9.10
C LEU A 176 -23.36 -14.54 10.16
N LEU A 177 -22.48 -14.82 11.11
CA LEU A 177 -22.28 -13.90 12.24
C LEU A 177 -20.83 -13.92 12.66
N TYR A 178 -20.20 -12.75 12.68
CA TYR A 178 -18.82 -12.57 13.09
C TYR A 178 -18.76 -11.91 14.47
N ARG A 179 -17.69 -12.21 15.19
CA ARG A 179 -17.39 -11.53 16.44
C ARG A 179 -15.89 -11.53 16.65
N MET A 180 -15.32 -10.34 16.63
CA MET A 180 -13.92 -10.16 17.00
C MET A 180 -13.82 -10.21 18.52
N LYS A 181 -12.85 -10.97 19.01
CA LYS A 181 -12.65 -11.15 20.44
C LYS A 181 -11.25 -10.69 20.78
N ARG A 182 -11.10 -10.05 21.95
CA ARG A 182 -9.82 -9.55 22.45
C ARG A 182 -9.01 -8.82 21.38
N ALA A 183 -9.70 -8.19 20.43
CA ALA A 183 -9.05 -7.59 19.29
C ALA A 183 -8.14 -6.43 19.74
N GLU A 184 -7.37 -5.94 18.79
CA GLU A 184 -6.46 -4.82 19.00
C GLU A 184 -6.17 -4.21 17.64
N THR A 185 -6.22 -2.89 17.57
CA THR A 185 -6.13 -2.22 16.28
C THR A 185 -4.91 -1.33 16.25
N TYR A 186 -4.41 -1.10 15.03
CA TYR A 186 -3.19 -0.34 14.81
C TYR A 186 -3.56 0.85 13.94
N CYS A 187 -2.85 1.98 14.12
CA CYS A 187 -2.93 3.10 13.19
C CYS A 187 -4.22 3.72 12.65
N PRO A 188 -5.12 4.18 13.50
CA PRO A 188 -6.42 4.68 13.05
C PRO A 188 -6.82 5.62 11.92
N ARG A 189 -7.66 5.10 11.00
CA ARG A 189 -8.03 5.72 9.73
C ARG A 189 -9.39 6.40 9.65
N PRO A 190 -9.60 7.28 8.67
CA PRO A 190 -10.85 8.04 8.61
C PRO A 190 -12.11 7.21 8.78
N LEU A 191 -13.04 7.78 9.56
CA LEU A 191 -14.40 7.28 9.68
C LEU A 191 -15.32 8.23 8.92
N LEU A 192 -16.54 7.80 8.68
CA LEU A 192 -17.53 8.68 8.09
C LEU A 192 -18.74 8.82 9.01
N ALA A 193 -19.56 9.81 8.70
CA ALA A 193 -20.91 9.91 9.24
C ALA A 193 -21.82 10.23 8.07
N ILE A 194 -23.10 9.85 8.20
CA ILE A 194 -24.03 10.07 7.11
C ILE A 194 -24.08 11.56 6.80
N HIS A 195 -23.87 11.89 5.53
CA HIS A 195 -23.76 13.29 5.15
C HIS A 195 -25.11 13.97 5.30
N PRO A 196 -25.25 14.94 6.19
CA PRO A 196 -26.55 15.58 6.38
C PRO A 196 -26.98 16.31 5.12
N SER A 197 -28.19 16.00 4.66
CA SER A 197 -28.76 16.74 3.53
C SER A 197 -29.00 18.19 3.89
N GLU A 198 -29.22 18.44 5.19
CA GLU A 198 -29.46 19.80 5.73
C GLU A 198 -28.79 19.89 7.11
N ALA A 199 -28.81 21.09 7.71
CA ALA A 199 -28.19 21.27 9.04
C ALA A 199 -28.93 20.41 10.06
N ARG A 200 -28.19 19.80 11.01
CA ARG A 200 -28.78 18.97 12.08
C ARG A 200 -29.67 17.86 11.50
N HIS A 201 -29.11 16.98 10.65
CA HIS A 201 -29.81 15.80 10.06
C HIS A 201 -30.70 15.17 11.14
N LYS A 202 -32.02 15.10 10.88
CA LYS A 202 -32.94 14.74 11.95
C LYS A 202 -33.41 13.30 11.74
N GLN A 203 -32.90 12.39 12.57
CA GLN A 203 -33.31 11.00 12.54
C GLN A 203 -34.49 10.79 13.48
N LYS A 204 -35.52 10.10 13.02
CA LYS A 204 -36.73 9.92 13.81
C LYS A 204 -36.43 9.07 15.04
N ILE A 205 -36.53 9.67 16.21
CA ILE A 205 -36.24 9.00 17.46
C ILE A 205 -37.49 8.26 17.91
N VAL A 206 -37.30 7.21 18.71
CA VAL A 206 -38.42 6.38 19.17
C VAL A 206 -38.96 6.96 20.47
N ALA A 207 -40.29 6.95 20.60
CA ALA A 207 -40.97 7.58 21.72
C ALA A 207 -42.21 6.78 22.07
N PRO A 208 -42.63 6.77 23.34
CA PRO A 208 -43.86 6.08 23.77
C PRO A 208 -45.11 6.62 23.08
N ARG B 13 14.40 29.60 16.53
CA ARG B 13 13.89 28.24 16.45
C ARG B 13 14.41 27.52 15.21
N ILE B 14 15.61 27.90 14.78
CA ILE B 14 16.25 27.19 13.67
C ILE B 14 16.37 25.73 14.01
N LEU B 15 16.12 24.88 13.02
CA LEU B 15 16.06 23.44 13.23
C LEU B 15 17.20 22.77 12.47
N THR B 16 17.95 21.94 13.19
CA THR B 16 19.05 21.22 12.56
C THR B 16 18.57 19.88 12.03
N THR B 17 19.24 19.40 11.00
CA THR B 17 18.96 18.11 10.40
C THR B 17 20.27 17.45 10.01
N ARG B 18 20.27 16.12 9.95
CA ARG B 18 21.46 15.39 9.54
C ARG B 18 21.05 13.95 9.24
N ASN B 19 21.57 13.41 8.15
CA ASN B 19 21.38 12.01 7.81
C ASN B 19 22.53 11.61 6.90
N GLY B 20 23.20 10.52 7.24
CA GLY B 20 24.31 10.07 6.41
C GLY B 20 25.36 11.14 6.30
N HIS B 21 25.44 11.77 5.13
CA HIS B 21 26.42 12.82 4.87
C HIS B 21 25.99 14.17 4.41
N THR B 22 24.70 14.43 4.24
CA THR B 22 24.23 15.67 3.59
C THR B 22 23.25 16.15 4.63
N THR B 23 23.02 17.47 4.60
CA THR B 23 22.13 18.12 5.55
C THR B 23 21.80 19.52 5.06
N SER B 24 20.58 19.96 5.35
CA SER B 24 20.15 21.32 5.10
C SER B 24 19.25 21.76 6.24
N THR B 25 19.67 22.80 6.96
CA THR B 25 18.93 23.31 8.11
C THR B 25 17.91 24.34 7.65
N THR B 26 16.71 24.26 8.21
CA THR B 26 15.65 25.18 7.84
C THR B 26 15.82 26.50 8.56
N GLN B 27 15.72 27.60 7.82
CA GLN B 27 15.86 28.93 8.42
C GLN B 27 14.84 29.15 9.53
N SER B 28 13.67 28.53 9.43
CA SER B 28 12.63 28.70 10.43
C SER B 28 11.91 27.37 10.28
N SER B 29 11.29 26.89 11.35
CA SER B 29 10.67 25.57 11.35
C SER B 29 9.80 25.51 12.60
N VAL B 30 9.00 24.46 12.68
CA VAL B 30 8.04 24.31 13.77
C VAL B 30 8.54 23.24 14.74
N GLY B 31 9.32 22.31 14.25
CA GLY B 31 9.78 21.20 15.06
C GLY B 31 9.22 19.88 14.59
N VAL B 32 9.99 18.81 14.78
CA VAL B 32 9.58 17.50 14.29
C VAL B 32 8.24 17.12 14.90
N THR B 33 7.50 16.28 14.16
CA THR B 33 6.19 15.79 14.59
C THR B 33 6.19 14.29 14.35
N TYR B 34 6.58 13.53 15.36
CA TYR B 34 6.74 12.09 15.21
C TYR B 34 5.39 11.44 14.93
N GLY B 35 5.45 10.13 14.70
CA GLY B 35 4.24 9.38 14.46
C GLY B 35 4.38 7.89 14.68
N TYR B 36 3.49 7.32 15.48
CA TYR B 36 3.33 5.88 15.61
C TYR B 36 4.44 5.20 16.35
N ALA B 37 5.44 5.97 16.78
CA ALA B 37 6.56 5.43 17.59
C ALA B 37 7.50 6.57 17.86
N THR B 38 8.55 6.24 18.61
CA THR B 38 9.67 7.15 18.79
C THR B 38 10.89 6.58 18.10
N ALA B 39 10.98 5.26 17.98
CA ALA B 39 12.07 4.59 17.32
C ALA B 39 11.59 3.26 16.78
N GLU B 40 12.33 2.71 15.83
CA GLU B 40 11.88 1.52 15.12
C GLU B 40 11.61 0.38 16.08
N ASP B 41 10.71 -0.51 15.66
CA ASP B 41 10.38 -1.70 16.42
C ASP B 41 11.45 -2.78 16.22
N PHE B 42 11.37 -3.83 17.04
CA PHE B 42 12.34 -4.90 16.93
C PHE B 42 12.62 -5.35 15.50
N VAL B 43 13.89 -5.64 15.22
CA VAL B 43 14.40 -5.57 13.85
C VAL B 43 14.59 -6.92 13.20
N SER B 44 15.08 -7.93 13.92
CA SER B 44 15.41 -9.22 13.32
C SER B 44 14.45 -10.25 13.88
N GLY B 45 13.30 -10.38 13.24
CA GLY B 45 12.30 -11.34 13.65
C GLY B 45 12.83 -12.76 13.55
N PRO B 46 12.34 -13.64 14.42
CA PRO B 46 12.75 -15.05 14.36
C PRO B 46 12.28 -15.75 13.10
N ASN B 47 11.55 -15.06 12.23
CA ASN B 47 11.06 -15.66 11.01
C ASN B 47 12.05 -15.60 9.85
N THR B 48 12.86 -14.54 9.79
CA THR B 48 13.71 -14.28 8.64
C THR B 48 15.12 -14.85 8.81
N SER B 49 15.28 -15.87 9.65
CA SER B 49 16.53 -16.61 9.79
C SER B 49 17.72 -15.68 10.04
N GLY B 50 17.48 -14.46 10.50
CA GLY B 50 18.56 -13.58 10.88
C GLY B 50 19.53 -13.20 9.79
N LEU B 51 19.20 -13.44 8.53
CA LEU B 51 20.13 -12.99 7.49
C LEU B 51 20.16 -11.50 7.32
N GLU B 52 19.45 -10.71 8.11
CA GLU B 52 19.44 -9.27 7.92
C GLU B 52 20.85 -8.71 8.11
N THR B 53 21.17 -7.68 7.34
CA THR B 53 22.42 -6.94 7.50
C THR B 53 22.12 -5.46 7.35
N ARG B 54 22.37 -4.69 8.39
CA ARG B 54 22.14 -3.25 8.31
C ARG B 54 23.06 -2.64 7.26
N VAL B 55 22.57 -1.61 6.57
CA VAL B 55 23.35 -0.87 5.61
C VAL B 55 23.35 0.60 6.01
N VAL B 56 24.53 1.18 6.12
CA VAL B 56 24.68 2.57 6.56
C VAL B 56 24.77 3.52 5.39
N GLN B 57 25.55 3.16 4.37
CA GLN B 57 25.89 4.09 3.30
C GLN B 57 24.69 4.48 2.45
N ALA B 58 23.50 3.95 2.73
CA ALA B 58 22.36 4.13 1.85
C ALA B 58 21.32 5.19 2.19
N GLU B 59 21.38 5.77 3.38
CA GLU B 59 20.55 6.92 3.73
C GLU B 59 21.04 8.35 3.52
N ARG B 60 20.78 8.90 2.33
CA ARG B 60 21.06 10.29 2.04
C ARG B 60 19.82 10.92 1.44
N PHE B 61 19.61 12.20 1.74
CA PHE B 61 18.47 12.95 1.21
C PHE B 61 18.42 12.87 -0.31
N PHE B 62 17.26 13.09 -0.90
CA PHE B 62 17.20 13.23 -2.36
C PHE B 62 16.03 14.09 -2.74
N LYS B 63 16.32 15.26 -3.30
CA LYS B 63 15.29 16.18 -3.75
C LYS B 63 14.33 15.48 -4.69
N THR B 64 13.08 15.93 -4.70
CA THR B 64 12.06 15.37 -5.57
C THR B 64 10.95 16.40 -5.71
N HIS B 65 10.73 16.86 -6.93
CA HIS B 65 9.80 17.97 -7.16
C HIS B 65 8.36 17.48 -7.13
N LEU B 66 7.50 18.24 -6.45
CA LEU B 66 6.06 17.87 -6.33
C LEU B 66 5.19 18.99 -6.92
N PHE B 67 3.86 18.79 -6.92
CA PHE B 67 2.90 19.77 -7.47
C PHE B 67 2.96 21.07 -6.65
N ASP B 68 2.87 22.21 -7.32
CA ASP B 68 2.89 23.53 -6.64
C ASP B 68 1.50 24.16 -6.77
N TRP B 69 0.86 24.48 -5.64
CA TRP B 69 -0.50 25.08 -5.69
C TRP B 69 -0.43 26.48 -6.30
N VAL B 70 -1.41 26.82 -7.15
CA VAL B 70 -1.47 28.14 -7.84
C VAL B 70 -2.81 28.69 -7.36
N THR B 71 -3.13 29.95 -7.64
CA THR B 71 -4.44 30.43 -7.17
C THR B 71 -5.70 29.65 -7.53
N SER B 72 -5.67 29.03 -8.71
CA SER B 72 -6.82 28.29 -9.29
C SER B 72 -7.21 27.14 -8.37
N ASP B 73 -6.30 26.67 -7.51
CA ASP B 73 -6.64 25.52 -6.63
C ASP B 73 -7.81 25.40 -5.65
N PRO B 74 -8.71 24.40 -5.82
CA PRO B 74 -9.82 24.18 -4.89
C PRO B 74 -9.29 23.41 -3.67
N PHE B 75 -9.98 23.50 -2.53
CA PHE B 75 -9.55 22.79 -1.30
C PHE B 75 -9.33 21.31 -1.61
N GLY B 76 -10.32 20.68 -2.25
CA GLY B 76 -10.27 19.27 -2.61
C GLY B 76 -9.05 18.68 -3.28
N ARG B 77 -8.24 19.50 -3.93
CA ARG B 77 -7.07 18.95 -4.62
C ARG B 77 -6.26 18.13 -3.63
N CYS B 78 -5.88 16.93 -4.08
CA CYS B 78 -5.09 16.00 -3.29
C CYS B 78 -3.98 15.50 -4.20
N TYR B 79 -2.90 15.02 -3.62
CA TYR B 79 -1.79 14.56 -4.45
C TYR B 79 -1.05 13.52 -3.63
N GLN B 80 -0.76 12.36 -4.23
CA GLN B 80 -0.08 11.28 -3.48
C GLN B 80 1.09 10.72 -4.30
N LEU B 81 2.31 10.85 -3.78
CA LEU B 81 3.51 10.36 -4.48
C LEU B 81 3.84 8.94 -3.99
N GLU B 82 3.89 7.96 -4.90
CA GLU B 82 4.21 6.57 -4.48
C GLU B 82 5.60 6.56 -3.81
N LEU B 83 5.67 6.08 -2.56
CA LEU B 83 6.95 6.02 -1.80
C LEU B 83 7.28 4.55 -1.49
N PRO B 84 8.51 4.06 -1.75
CA PRO B 84 9.58 4.89 -2.30
C PRO B 84 9.53 4.90 -3.84
N THR B 85 10.12 5.93 -4.45
CA THR B 85 10.12 6.06 -5.93
C THR B 85 11.54 5.77 -6.45
N ASP B 86 11.67 5.61 -7.78
CA ASP B 86 12.95 5.33 -8.48
C ASP B 86 14.07 6.22 -7.92
N HIS B 87 15.19 5.60 -7.52
CA HIS B 87 16.33 6.33 -6.93
C HIS B 87 17.59 6.12 -7.79
N LYS B 88 18.42 7.15 -7.90
CA LYS B 88 19.69 7.10 -8.68
C LYS B 88 20.85 7.46 -7.75
N GLY B 89 22.00 6.79 -7.91
CA GLY B 89 23.16 7.06 -7.03
C GLY B 89 23.12 6.18 -5.79
N VAL B 90 23.86 6.54 -4.73
CA VAL B 90 23.87 5.72 -3.49
C VAL B 90 22.42 5.60 -3.00
N TYR B 91 22.00 4.36 -2.71
CA TYR B 91 20.65 3.89 -2.29
C TYR B 91 19.72 3.75 -3.50
N GLY B 92 20.25 3.94 -4.72
CA GLY B 92 19.47 3.81 -5.95
C GLY B 92 19.66 2.43 -6.53
N SER B 93 18.55 1.68 -6.66
CA SER B 93 18.45 0.28 -7.16
C SER B 93 18.95 -0.73 -6.10
N LEU B 94 19.14 -0.28 -4.85
CA LEU B 94 19.58 -1.16 -3.75
C LEU B 94 18.47 -2.18 -3.52
N THR B 95 17.22 -1.71 -3.52
CA THR B 95 16.08 -2.60 -3.37
C THR B 95 16.15 -3.75 -4.36
N ASP B 96 16.62 -3.47 -5.57
CA ASP B 96 16.72 -4.49 -6.59
C ASP B 96 17.65 -5.65 -6.19
N SER B 97 18.76 -5.32 -5.55
CA SER B 97 19.68 -6.35 -5.11
C SER B 97 19.34 -6.92 -3.75
N TYR B 98 18.12 -6.64 -3.27
CA TYR B 98 17.64 -7.14 -2.00
C TYR B 98 16.12 -7.28 -2.01
N ALA B 99 15.59 -8.15 -1.15
CA ALA B 99 14.15 -8.35 -1.07
C ALA B 99 13.72 -8.39 0.39
N TYR B 100 12.49 -7.97 0.66
CA TYR B 100 11.98 -7.98 2.02
C TYR B 100 12.62 -6.86 2.84
N MET B 101 13.19 -5.90 2.13
CA MET B 101 13.85 -4.74 2.72
C MET B 101 12.87 -3.87 3.50
N ARG B 102 13.32 -3.33 4.62
CA ARG B 102 12.49 -2.47 5.47
C ARG B 102 13.19 -1.16 5.81
N ASN B 103 12.40 -0.10 5.97
CA ASN B 103 12.96 1.21 6.30
C ASN B 103 11.91 2.11 6.92
N GLY B 104 12.34 2.92 7.88
CA GLY B 104 11.54 4.04 8.33
C GLY B 104 11.78 5.26 7.47
N TRP B 105 10.95 6.27 7.63
CA TRP B 105 10.97 7.40 6.71
C TRP B 105 10.97 8.72 7.44
N ASP B 106 11.71 9.68 6.90
CA ASP B 106 11.84 11.03 7.44
C ASP B 106 11.54 11.96 6.26
N VAL B 107 10.27 12.24 6.05
CA VAL B 107 9.88 13.13 4.97
C VAL B 107 10.07 14.58 5.40
N GLU B 108 10.21 15.45 4.42
CA GLU B 108 10.43 16.87 4.68
C GLU B 108 9.93 17.68 3.50
N VAL B 109 8.85 18.43 3.70
CA VAL B 109 8.29 19.24 2.64
C VAL B 109 8.64 20.70 2.87
N THR B 110 9.22 21.34 1.84
CA THR B 110 9.62 22.73 1.95
C THR B 110 8.91 23.60 0.90
N ALA B 111 8.35 24.71 1.36
CA ALA B 111 7.66 25.66 0.49
C ALA B 111 8.04 27.08 0.86
N VAL B 112 7.96 28.00 -0.09
CA VAL B 112 8.31 29.38 0.20
C VAL B 112 7.06 30.20 0.49
N GLY B 113 6.88 30.54 1.76
CA GLY B 113 5.73 31.31 2.22
C GLY B 113 5.60 32.74 1.73
N ASN B 114 6.71 33.46 1.72
CA ASN B 114 6.73 34.86 1.31
C ASN B 114 6.26 35.76 2.44
N GLN B 115 6.00 35.15 3.59
CA GLN B 115 5.56 35.88 4.79
C GLN B 115 4.30 36.69 4.47
N PHE B 116 3.75 36.48 3.28
CA PHE B 116 2.57 37.19 2.82
C PHE B 116 1.44 36.32 2.28
N ASN B 117 1.51 35.01 2.48
CA ASN B 117 0.45 34.15 1.94
C ASN B 117 -0.51 33.54 2.96
N GLY B 118 -1.79 33.87 2.79
CA GLY B 118 -2.88 33.40 3.64
C GLY B 118 -3.15 31.91 3.63
N GLY B 119 -3.01 31.30 2.45
CA GLY B 119 -3.30 29.88 2.30
C GLY B 119 -2.44 28.96 3.14
N CYS B 120 -3.08 27.94 3.69
CA CYS B 120 -2.42 26.97 4.54
C CYS B 120 -2.42 25.60 3.88
N LEU B 121 -1.24 24.98 3.82
CA LEU B 121 -1.10 23.66 3.21
C LEU B 121 -0.76 22.62 4.26
N LEU B 122 -1.51 21.53 4.27
CA LEU B 122 -1.30 20.46 5.24
C LEU B 122 -0.86 19.16 4.59
N VAL B 123 0.23 18.59 5.08
CA VAL B 123 0.76 17.34 4.55
C VAL B 123 0.73 16.25 5.60
N ALA B 124 0.16 15.11 5.25
CA ALA B 124 0.07 13.99 6.17
C ALA B 124 0.68 12.70 5.61
N MET B 125 1.50 12.04 6.41
CA MET B 125 2.11 10.80 6.01
C MET B 125 1.02 9.79 6.25
N VAL B 126 0.70 8.97 5.24
CA VAL B 126 -0.37 7.99 5.40
C VAL B 126 0.10 6.60 4.98
N PRO B 127 -0.47 5.55 5.68
CA PRO B 127 0.00 4.22 5.26
C PRO B 127 -1.05 3.51 4.41
N GLU B 128 -0.59 2.85 3.36
CA GLU B 128 -1.45 2.09 2.45
C GLU B 128 -2.75 2.74 2.01
N LEU B 129 -2.69 4.03 1.71
CA LEU B 129 -3.87 4.75 1.27
C LEU B 129 -4.35 4.24 -0.07
N CYS B 130 -5.67 4.27 -0.24
CA CYS B 130 -6.32 3.86 -1.46
C CYS B 130 -6.92 5.17 -1.94
N SER B 131 -7.21 5.30 -3.23
CA SER B 131 -7.75 6.56 -3.71
C SER B 131 -8.99 6.86 -2.91
N ILE B 132 -9.05 8.08 -2.34
CA ILE B 132 -10.20 8.49 -1.47
C ILE B 132 -11.39 8.90 -2.35
N ASP B 133 -12.57 9.00 -1.75
CA ASP B 133 -13.83 9.37 -2.43
C ASP B 133 -14.07 10.87 -2.29
N LYS B 134 -13.09 11.59 -1.71
CA LYS B 134 -13.08 13.06 -1.45
C LYS B 134 -13.99 13.41 -0.27
N ARG B 135 -14.34 12.41 0.55
CA ARG B 135 -15.22 12.66 1.73
C ARG B 135 -14.45 12.40 3.03
N GLY B 136 -13.29 11.74 2.95
CA GLY B 136 -12.54 11.50 4.18
C GLY B 136 -11.41 12.49 4.22
N LEU B 137 -11.15 13.19 3.11
CA LEU B 137 -10.12 14.23 3.10
C LEU B 137 -10.28 15.19 4.27
N TYR B 138 -11.50 15.37 4.76
CA TYR B 138 -11.70 16.17 5.95
C TYR B 138 -10.96 15.55 7.14
N GLN B 139 -11.33 14.33 7.51
CA GLN B 139 -10.74 13.69 8.67
C GLN B 139 -9.33 13.19 8.41
N LEU B 140 -8.76 13.47 7.23
CA LEU B 140 -7.42 13.00 6.89
C LEU B 140 -6.38 13.30 7.96
N THR B 141 -6.59 14.30 8.81
CA THR B 141 -5.56 14.67 9.75
C THR B 141 -5.33 13.65 10.87
N LEU B 142 -5.97 12.49 10.83
CA LEU B 142 -5.73 11.48 11.86
C LEU B 142 -4.28 11.00 11.86
N PHE B 143 -3.76 10.65 10.69
CA PHE B 143 -2.41 10.10 10.59
C PHE B 143 -1.38 11.14 11.02
N PRO B 144 -0.12 10.75 11.26
CA PRO B 144 0.89 11.78 11.55
C PRO B 144 0.92 12.87 10.51
N HIS B 145 0.95 14.11 10.99
CA HIS B 145 0.81 15.28 10.13
C HIS B 145 1.38 16.49 10.83
N GLN B 146 1.80 17.46 10.03
CA GLN B 146 2.29 18.72 10.54
C GLN B 146 1.87 19.51 9.31
N PHE B 147 1.38 20.72 9.52
CA PHE B 147 0.66 21.39 8.45
C PHE B 147 1.10 22.83 8.58
N ILE B 148 1.41 23.43 7.44
CA ILE B 148 2.18 24.67 7.36
C ILE B 148 1.31 25.81 6.87
N ASN B 149 1.60 27.01 7.39
CA ASN B 149 1.02 28.25 6.91
C ASN B 149 2.16 29.24 6.70
N PRO B 150 2.34 29.77 5.50
CA PRO B 150 3.51 30.62 5.24
C PRO B 150 3.64 31.81 6.17
N ARG B 151 2.64 32.09 7.00
CA ARG B 151 2.79 33.14 7.99
C ARG B 151 3.88 32.77 9.00
N THR B 152 3.80 31.57 9.56
CA THR B 152 4.71 31.17 10.64
C THR B 152 5.86 30.24 10.28
N ASN B 153 5.60 29.18 9.53
CA ASN B 153 6.60 28.14 9.31
C ASN B 153 6.41 27.60 7.91
N MET B 154 7.44 27.75 7.07
CA MET B 154 7.36 27.36 5.68
C MET B 154 7.70 25.90 5.43
N THR B 155 8.21 25.17 6.43
CA THR B 155 8.57 23.78 6.26
C THR B 155 8.02 22.95 7.41
N ALA B 156 7.83 21.66 7.15
CA ALA B 156 7.36 20.70 8.14
C ALA B 156 8.27 19.45 8.19
N HIS B 157 8.34 18.82 9.35
CA HIS B 157 9.16 17.65 9.52
C HIS B 157 8.33 16.51 10.05
N ILE B 158 8.56 15.30 9.53
CA ILE B 158 7.73 14.14 9.86
C ILE B 158 8.64 12.93 9.77
N THR B 159 8.65 12.12 10.83
CA THR B 159 9.38 10.86 10.83
C THR B 159 8.43 9.76 11.25
N VAL B 160 8.31 8.74 10.40
CA VAL B 160 7.48 7.59 10.73
C VAL B 160 8.34 6.34 10.71
N PRO B 161 8.09 5.37 11.58
CA PRO B 161 8.64 4.04 11.39
C PRO B 161 7.70 3.23 10.54
N PHE B 162 8.25 2.24 9.85
CA PHE B 162 7.44 1.43 8.95
C PHE B 162 6.40 0.64 9.74
N VAL B 163 5.22 0.45 9.15
CA VAL B 163 4.17 -0.39 9.73
C VAL B 163 3.43 -1.07 8.59
N GLY B 164 3.31 -2.38 8.73
CA GLY B 164 2.68 -3.29 7.77
C GLY B 164 3.13 -4.60 8.37
N VAL B 165 3.28 -5.66 7.57
CA VAL B 165 3.74 -6.93 8.16
C VAL B 165 5.11 -6.60 8.78
N ASN B 166 5.31 -7.02 10.02
CA ASN B 166 6.54 -6.69 10.75
C ASN B 166 7.89 -7.19 10.24
N ARG B 167 8.00 -8.44 9.81
CA ARG B 167 9.33 -8.86 9.39
C ARG B 167 9.98 -8.19 8.17
N TYR B 168 9.29 -8.10 7.03
CA TYR B 168 9.86 -7.49 5.81
C TYR B 168 8.81 -7.14 4.74
N ASP B 169 9.23 -6.33 3.76
CA ASP B 169 8.36 -5.92 2.64
C ASP B 169 9.08 -6.01 1.30
N GLN B 170 8.35 -6.33 0.23
CA GLN B 170 8.91 -6.40 -1.12
C GLN B 170 8.48 -5.15 -1.87
N TYR B 171 9.36 -4.16 -1.94
CA TYR B 171 8.95 -2.85 -2.44
C TYR B 171 8.57 -2.87 -3.91
N LYS B 172 8.67 -4.04 -4.55
CA LYS B 172 8.31 -4.16 -5.95
C LYS B 172 6.90 -4.73 -6.07
N VAL B 173 6.36 -5.18 -4.94
CA VAL B 173 5.02 -5.75 -4.89
C VAL B 173 3.99 -4.79 -4.31
N HIS B 174 4.35 -4.12 -3.22
CA HIS B 174 3.42 -3.19 -2.59
C HIS B 174 4.09 -2.10 -1.77
N LYS B 175 3.89 -0.85 -2.16
CA LYS B 175 4.45 0.27 -1.42
C LYS B 175 3.63 0.40 -0.15
N PRO B 176 4.34 0.61 1.02
CA PRO B 176 3.50 0.69 2.22
C PRO B 176 3.22 2.11 2.69
N TRP B 177 3.85 3.10 2.09
CA TRP B 177 3.64 4.48 2.50
C TRP B 177 3.33 5.37 1.31
N THR B 178 2.96 6.60 1.61
CA THR B 178 2.58 7.59 0.63
C THR B 178 2.68 8.96 1.25
N LEU B 179 2.96 9.96 0.42
CA LEU B 179 2.76 11.34 0.78
C LEU B 179 1.37 11.79 0.35
N VAL B 180 0.75 12.63 1.16
CA VAL B 180 -0.48 13.30 0.77
C VAL B 180 -0.31 14.77 1.10
N VAL B 181 -0.32 15.62 0.06
CA VAL B 181 -0.13 17.08 0.29
C VAL B 181 -1.52 17.44 -0.29
N MET B 182 -2.47 17.80 0.57
CA MET B 182 -3.81 18.21 0.10
C MET B 182 -3.70 19.62 0.68
N VAL B 183 -4.21 20.64 -0.02
CA VAL B 183 -4.10 22.04 0.49
C VAL B 183 -5.32 22.35 1.35
N VAL B 184 -5.12 22.45 2.67
CA VAL B 184 -6.22 22.74 3.64
C VAL B 184 -6.77 24.15 3.41
N ALA B 185 -5.90 25.14 3.20
CA ALA B 185 -6.35 26.53 3.00
C ALA B 185 -7.18 26.61 1.72
N PRO B 186 -8.35 27.27 1.72
CA PRO B 186 -9.17 27.38 0.50
C PRO B 186 -8.41 28.23 -0.51
N LEU B 187 -8.30 27.73 -1.75
CA LEU B 187 -7.61 28.45 -2.86
C LEU B 187 -6.20 28.87 -2.42
N THR B 188 -5.84 30.11 -2.70
CA THR B 188 -4.57 30.74 -2.24
C THR B 188 -4.78 32.26 -2.09
N VAL B 189 -3.93 32.94 -1.31
CA VAL B 189 -4.13 34.41 -1.14
C VAL B 189 -2.99 35.16 -1.83
N ASN B 190 -3.33 35.95 -2.86
CA ASN B 190 -2.32 36.77 -3.58
C ASN B 190 -2.22 38.13 -2.90
N THR B 191 -1.75 38.16 -1.65
CA THR B 191 -1.62 39.44 -0.90
C THR B 191 -0.20 40.00 -1.11
N GLU B 192 0.08 40.54 -2.29
CA GLU B 192 1.41 41.09 -2.62
C GLU B 192 2.48 40.03 -2.32
N GLY B 193 2.30 38.84 -2.91
CA GLY B 193 3.21 37.68 -2.73
C GLY B 193 3.41 36.95 -4.04
N ALA B 194 4.39 36.04 -4.11
CA ALA B 194 4.65 35.31 -5.37
C ALA B 194 3.36 34.59 -5.78
N PRO B 195 2.95 34.63 -7.07
CA PRO B 195 1.71 34.02 -7.53
C PRO B 195 1.66 32.48 -7.36
N GLN B 196 2.78 31.80 -7.65
CA GLN B 196 2.83 30.32 -7.53
C GLN B 196 4.04 29.93 -6.69
N ILE B 197 3.83 29.18 -5.60
CA ILE B 197 4.97 28.76 -4.73
C ILE B 197 5.11 27.25 -4.79
N LYS B 198 5.91 26.75 -5.74
CA LYS B 198 6.12 25.28 -5.90
C LYS B 198 6.64 24.70 -4.59
N VAL B 199 6.09 23.54 -4.18
CA VAL B 199 6.50 22.88 -2.90
C VAL B 199 7.49 21.76 -3.22
N TYR B 200 8.59 21.68 -2.46
CA TYR B 200 9.62 20.67 -2.66
C TYR B 200 9.71 19.77 -1.43
N ALA B 201 9.79 18.46 -1.66
CA ALA B 201 9.75 17.47 -0.60
C ALA B 201 11.05 16.71 -0.57
N ASN B 202 11.83 16.89 0.50
CA ASN B 202 13.13 16.22 0.64
C ASN B 202 12.93 14.91 1.41
N ILE B 203 12.38 13.92 0.71
CA ILE B 203 12.24 12.59 1.28
C ILE B 203 13.59 12.06 1.74
N ALA B 204 13.61 11.38 2.88
CA ALA B 204 14.86 10.89 3.43
C ALA B 204 14.69 9.55 4.12
N PRO B 205 15.06 8.46 3.46
CA PRO B 205 14.91 7.14 4.07
C PRO B 205 15.92 6.91 5.18
N THR B 206 15.45 6.46 6.34
CA THR B 206 16.31 6.27 7.50
C THR B 206 16.30 4.81 7.96
N ASN B 207 17.49 4.30 8.30
CA ASN B 207 17.64 3.06 9.05
C ASN B 207 17.18 1.79 8.31
N VAL B 208 17.57 1.67 7.05
CA VAL B 208 17.20 0.52 6.23
C VAL B 208 17.75 -0.82 6.72
N HIS B 209 17.22 -1.91 6.18
CA HIS B 209 17.74 -3.26 6.38
C HIS B 209 17.46 -4.04 5.11
N VAL B 210 18.12 -5.19 4.95
CA VAL B 210 18.04 -5.98 3.73
C VAL B 210 18.34 -7.45 3.96
N ALA B 211 17.82 -8.29 3.07
CA ALA B 211 17.91 -9.74 3.14
C ALA B 211 18.41 -11.04 2.50
N GLY B 212 18.35 -11.11 1.18
CA GLY B 212 18.75 -12.30 0.42
C GLY B 212 18.80 -11.51 -0.87
N GLU B 213 19.91 -11.63 -1.60
CA GLU B 213 20.17 -10.79 -2.77
C GLU B 213 19.82 -11.50 -4.06
N PHE B 214 19.31 -10.73 -5.03
CA PHE B 214 18.89 -11.31 -6.29
C PHE B 214 20.09 -11.81 -7.08
N PRO B 215 19.87 -12.70 -8.03
CA PRO B 215 20.93 -13.04 -8.98
C PRO B 215 21.11 -11.92 -10.00
N SER B 216 22.23 -11.21 -9.89
CA SER B 216 22.44 -10.02 -10.69
C SER B 216 22.51 -10.34 -12.18
N LYS B 217 22.46 -9.28 -12.97
CA LYS B 217 22.63 -9.36 -14.42
C LYS B 217 23.82 -8.53 -14.91
N GLU B 218 24.82 -8.30 -14.06
CA GLU B 218 25.94 -7.41 -14.38
C GLU B 218 27.04 -8.13 -15.16
N GLY C 1 -32.85 -27.43 46.87
CA GLY C 1 -33.69 -27.29 45.71
C GLY C 1 -33.01 -27.69 44.41
N ILE C 2 -33.79 -27.88 43.36
CA ILE C 2 -33.20 -28.25 42.09
C ILE C 2 -32.34 -27.03 41.87
N PHE C 3 -31.11 -27.24 41.46
CA PHE C 3 -30.13 -26.17 41.31
C PHE C 3 -30.34 -25.73 39.86
N PRO C 4 -30.59 -24.45 39.61
CA PRO C 4 -30.97 -24.02 38.26
C PRO C 4 -29.77 -23.79 37.37
N VAL C 5 -30.04 -23.82 36.07
CA VAL C 5 -29.02 -23.67 35.04
C VAL C 5 -29.72 -23.38 33.74
N ALA C 6 -29.17 -22.46 32.94
CA ALA C 6 -29.76 -22.09 31.64
C ALA C 6 -28.95 -22.71 30.50
N CYS C 7 -29.55 -23.63 29.75
CA CYS C 7 -28.86 -24.28 28.60
C CYS C 7 -28.58 -23.20 27.55
N SER C 8 -27.41 -23.26 26.91
CA SER C 8 -27.09 -22.29 25.83
C SER C 8 -27.03 -23.02 24.49
N ASP C 9 -27.82 -22.59 23.50
CA ASP C 9 -27.81 -23.26 22.18
C ASP C 9 -26.39 -23.13 21.61
N GLY C 10 -25.83 -21.92 21.68
CA GLY C 10 -24.45 -21.68 21.24
C GLY C 10 -23.48 -22.12 22.31
N TYR C 11 -22.27 -22.54 21.89
CA TYR C 11 -21.13 -22.97 22.76
C TYR C 11 -21.31 -24.41 23.28
N GLY C 12 -22.37 -25.11 22.83
CA GLY C 12 -22.63 -26.50 23.22
C GLY C 12 -22.72 -27.42 22.01
N GLY C 13 -22.53 -26.87 20.81
CA GLY C 13 -22.64 -27.65 19.55
C GLY C 13 -21.59 -28.74 19.44
N LEU C 14 -21.99 -29.91 18.93
CA LEU C 14 -21.06 -31.06 18.74
C LEU C 14 -20.15 -30.76 17.54
N VAL C 15 -18.85 -31.05 17.68
CA VAL C 15 -17.84 -30.81 16.62
C VAL C 15 -16.68 -31.80 16.79
N THR C 16 -15.89 -32.01 15.72
CA THR C 16 -14.75 -32.90 15.78
C THR C 16 -13.76 -31.89 16.34
N THR C 17 -12.66 -32.39 16.90
CA THR C 17 -11.64 -31.55 17.44
C THR C 17 -11.67 -30.67 18.69
N ASP C 18 -12.56 -31.02 19.61
CA ASP C 18 -12.71 -30.32 20.87
C ASP C 18 -12.16 -31.28 21.89
N PRO C 19 -11.57 -30.77 22.97
CA PRO C 19 -11.04 -31.65 24.02
C PRO C 19 -12.08 -31.80 25.12
N LYS C 20 -12.95 -32.81 25.04
CA LYS C 20 -14.01 -33.09 26.05
C LYS C 20 -13.83 -34.60 25.86
N THR C 21 -13.48 -35.31 26.94
CA THR C 21 -13.21 -36.77 26.92
C THR C 21 -14.43 -37.59 26.47
N ALA C 22 -14.17 -38.76 25.86
CA ALA C 22 -15.20 -39.68 25.34
C ALA C 22 -16.08 -40.22 26.48
N ASP C 23 -15.48 -40.53 27.64
CA ASP C 23 -16.22 -41.11 28.79
C ASP C 23 -16.94 -42.39 28.35
N PRO C 24 -16.23 -43.35 27.69
CA PRO C 24 -16.83 -44.60 27.21
C PRO C 24 -17.36 -45.48 28.36
N ALA C 25 -18.38 -46.28 28.05
CA ALA C 25 -19.07 -47.16 29.03
C ALA C 25 -18.12 -48.18 29.64
N TYR C 26 -17.23 -48.80 28.84
CA TYR C 26 -16.32 -49.82 29.41
C TYR C 26 -15.43 -49.19 30.48
N GLY C 27 -15.22 -49.91 31.59
CA GLY C 27 -14.36 -49.43 32.69
C GLY C 27 -13.50 -50.54 33.26
N LYS C 28 -12.54 -50.19 34.11
CA LYS C 28 -11.62 -51.15 34.78
C LYS C 28 -11.07 -52.17 33.77
N VAL C 29 -10.60 -51.70 32.60
CA VAL C 29 -9.99 -52.60 31.59
C VAL C 29 -8.48 -52.38 31.61
N PHE C 30 -7.69 -53.45 31.79
CA PHE C 30 -6.21 -53.31 31.85
C PHE C 30 -5.58 -53.79 30.53
N ASN C 31 -4.84 -52.90 29.87
CA ASN C 31 -4.14 -53.20 28.61
C ASN C 31 -2.83 -53.94 28.91
N PRO C 32 -2.24 -54.68 27.95
CA PRO C 32 -0.98 -55.39 28.16
C PRO C 32 0.16 -54.38 28.34
N PRO C 33 1.21 -54.67 29.12
CA PRO C 33 2.31 -53.72 29.33
C PRO C 33 3.02 -53.46 27.99
N ARG C 34 3.39 -52.21 27.72
CA ARG C 34 4.06 -51.87 26.44
C ARG C 34 5.15 -50.81 26.66
N ASN C 35 6.13 -51.10 27.53
CA ASN C 35 7.23 -50.21 27.77
C ASN C 35 8.50 -50.90 27.22
N MET C 36 9.58 -50.14 27.08
CA MET C 36 10.84 -50.68 26.66
C MET C 36 10.70 -50.84 25.09
N LEU C 37 9.72 -50.17 24.50
CA LEU C 37 9.34 -50.40 23.14
C LEU C 37 10.53 -50.13 22.21
N PRO C 38 10.68 -50.87 21.12
CA PRO C 38 11.87 -50.72 20.26
C PRO C 38 11.75 -49.58 19.26
N GLY C 39 11.71 -48.36 19.77
CA GLY C 39 11.75 -47.20 18.91
C GLY C 39 10.45 -46.44 18.87
N ARG C 40 10.40 -45.36 19.65
CA ARG C 40 9.28 -44.45 19.70
C ARG C 40 9.59 -43.21 18.87
N PHE C 41 8.56 -42.48 18.49
CA PHE C 41 8.72 -41.23 17.78
C PHE C 41 7.76 -40.26 18.44
N THR C 42 8.29 -39.22 19.08
CA THR C 42 7.42 -38.26 19.76
C THR C 42 6.52 -37.51 18.79
N ASN C 43 7.10 -37.08 17.68
CA ASN C 43 6.35 -36.35 16.67
C ASN C 43 7.03 -36.47 15.32
N PHE C 44 6.27 -36.30 14.25
CA PHE C 44 6.86 -36.41 12.91
C PHE C 44 7.16 -35.05 12.29
N LEU C 45 8.10 -35.06 11.35
CA LEU C 45 8.53 -33.86 10.65
C LEU C 45 9.09 -32.68 11.44
N ASP C 46 9.18 -32.83 12.76
CA ASP C 46 9.72 -31.73 13.56
C ASP C 46 10.88 -32.54 14.15
N VAL C 47 10.61 -33.77 14.56
CA VAL C 47 11.64 -34.64 15.14
C VAL C 47 11.89 -35.92 14.34
N ALA C 48 11.13 -36.08 13.25
CA ALA C 48 11.29 -37.24 12.34
C ALA C 48 12.24 -36.84 11.22
N GLU C 49 13.07 -35.81 11.48
CA GLU C 49 14.05 -35.26 10.51
C GLU C 49 15.36 -36.04 10.58
N ALA C 50 15.48 -37.00 11.51
CA ALA C 50 16.71 -37.80 11.65
C ALA C 50 16.97 -38.58 10.36
N CYS C 51 15.91 -39.13 9.77
CA CYS C 51 16.06 -39.90 8.50
C CYS C 51 15.85 -38.95 7.31
N PRO C 52 16.89 -38.72 6.47
CA PRO C 52 16.76 -37.84 5.30
C PRO C 52 16.20 -38.68 4.15
N THR C 53 15.41 -38.07 3.25
CA THR C 53 14.82 -38.83 2.17
C THR C 53 15.28 -38.31 0.81
N PHE C 54 15.08 -39.13 -0.21
CA PHE C 54 15.53 -38.81 -1.55
C PHE C 54 14.65 -37.71 -2.14
N LEU C 55 15.02 -37.26 -3.34
CA LEU C 55 14.25 -36.26 -4.08
C LEU C 55 13.96 -36.79 -5.46
N HIS C 56 13.12 -36.06 -6.18
CA HIS C 56 12.75 -36.47 -7.52
C HIS C 56 13.42 -35.55 -8.54
N PHE C 57 14.10 -36.15 -9.51
CA PHE C 57 14.60 -35.42 -10.67
C PHE C 57 13.97 -35.97 -11.92
N GLU C 58 14.32 -35.38 -13.06
CA GLU C 58 13.74 -35.82 -14.33
C GLU C 58 14.18 -37.24 -14.63
N GLY C 59 13.22 -38.12 -14.89
CA GLY C 59 13.50 -39.48 -15.26
C GLY C 59 13.24 -40.52 -14.19
N ASP C 60 12.47 -40.17 -13.14
CA ASP C 60 12.23 -41.06 -12.01
C ASP C 60 13.54 -41.65 -11.51
N VAL C 61 14.45 -40.75 -11.15
CA VAL C 61 15.80 -41.12 -10.75
C VAL C 61 16.30 -40.15 -9.69
N PRO C 62 16.61 -40.62 -8.49
CA PRO C 62 17.12 -39.73 -7.44
C PRO C 62 18.55 -39.25 -7.67
N TYR C 63 19.15 -39.56 -8.80
CA TYR C 63 20.51 -39.15 -9.10
C TYR C 63 20.51 -38.25 -10.33
N VAL C 64 21.29 -37.18 -10.27
CA VAL C 64 21.43 -36.25 -11.39
C VAL C 64 22.74 -36.55 -12.11
N THR C 65 22.65 -36.79 -13.42
CA THR C 65 23.82 -37.13 -14.22
C THR C 65 24.68 -35.90 -14.43
N THR C 66 25.93 -35.95 -13.98
CA THR C 66 26.88 -34.91 -14.32
C THR C 66 26.99 -34.78 -15.82
N LYS C 67 26.56 -33.64 -16.36
CA LYS C 67 26.55 -33.44 -17.81
C LYS C 67 27.73 -32.58 -18.24
N THR C 68 28.19 -32.82 -19.47
CA THR C 68 29.34 -32.14 -20.05
C THR C 68 28.85 -31.35 -21.25
N ASP C 69 28.76 -30.02 -21.09
CA ASP C 69 28.23 -29.16 -22.13
C ASP C 69 28.49 -27.72 -21.73
N SER C 70 28.36 -26.82 -22.70
CA SER C 70 28.40 -25.40 -22.40
C SER C 70 27.31 -25.02 -21.40
N ASP C 71 26.18 -25.72 -21.43
CA ASP C 71 25.15 -25.52 -20.43
C ASP C 71 25.61 -26.14 -19.12
N ARG C 72 25.57 -25.37 -18.04
CA ARG C 72 26.04 -25.89 -16.73
C ARG C 72 24.92 -25.81 -15.69
N VAL C 73 23.73 -25.37 -16.10
CA VAL C 73 22.60 -25.25 -15.13
C VAL C 73 22.15 -26.65 -14.72
N LEU C 74 22.02 -26.87 -13.41
CA LEU C 74 21.51 -28.15 -12.82
C LEU C 74 20.01 -28.03 -12.61
N ALA C 75 19.41 -28.98 -11.88
CA ALA C 75 17.95 -28.89 -11.63
C ALA C 75 17.67 -27.56 -10.91
N GLN C 76 16.65 -26.82 -11.38
CA GLN C 76 16.26 -25.51 -10.80
C GLN C 76 14.78 -25.61 -10.43
N PHE C 77 14.48 -26.15 -9.25
CA PHE C 77 13.10 -26.39 -8.85
C PHE C 77 12.68 -25.40 -7.77
N ASP C 78 11.38 -25.20 -7.69
CA ASP C 78 10.83 -24.28 -6.70
C ASP C 78 11.07 -24.82 -5.30
N LEU C 79 10.90 -23.93 -4.32
CA LEU C 79 11.11 -24.34 -2.94
C LEU C 79 9.82 -24.82 -2.27
N SER C 80 8.67 -24.43 -2.80
CA SER C 80 7.39 -24.80 -2.19
C SER C 80 7.29 -26.33 -2.05
N LEU C 81 6.95 -26.77 -0.84
CA LEU C 81 6.98 -28.19 -0.50
C LEU C 81 6.12 -29.03 -1.41
N ALA C 82 5.28 -28.42 -2.26
CA ALA C 82 4.50 -29.17 -3.24
C ALA C 82 5.02 -28.95 -4.66
N ALA C 83 6.28 -28.56 -4.80
CA ALA C 83 6.88 -28.48 -6.13
C ALA C 83 7.28 -29.87 -6.60
N LYS C 84 7.35 -30.02 -7.93
CA LYS C 84 7.51 -31.34 -8.53
C LYS C 84 8.71 -32.09 -7.96
N HIS C 85 9.87 -31.44 -7.91
CA HIS C 85 11.09 -32.15 -7.59
C HIS C 85 11.15 -32.68 -6.17
N MET C 86 10.19 -32.32 -5.32
CA MET C 86 10.10 -32.92 -3.99
C MET C 86 8.82 -33.71 -3.80
N SER C 87 8.09 -33.99 -4.89
CA SER C 87 6.77 -34.61 -4.77
C SER C 87 6.78 -35.95 -4.05
N ASN C 88 7.95 -36.50 -3.73
CA ASN C 88 7.98 -37.81 -3.10
C ASN C 88 8.92 -37.91 -1.92
N THR C 89 9.41 -36.79 -1.40
CA THR C 89 10.15 -36.83 -0.15
C THR C 89 9.20 -36.89 1.03
N PHE C 90 9.70 -37.39 2.17
CA PHE C 90 8.89 -37.40 3.38
C PHE C 90 8.55 -35.99 3.82
N LEU C 91 9.46 -35.05 3.62
CA LEU C 91 9.15 -33.64 3.86
C LEU C 91 7.84 -33.25 3.19
N ALA C 92 7.74 -33.48 1.89
CA ALA C 92 6.51 -33.11 1.19
C ALA C 92 5.33 -33.95 1.67
N GLY C 93 5.50 -35.26 1.75
CA GLY C 93 4.42 -36.11 2.22
C GLY C 93 3.85 -35.67 3.54
N LEU C 94 4.64 -34.98 4.37
CA LEU C 94 4.14 -34.46 5.62
C LEU C 94 3.70 -33.01 5.55
N ALA C 95 4.22 -32.24 4.61
CA ALA C 95 3.79 -30.85 4.50
C ALA C 95 2.43 -30.76 3.83
N GLN C 96 2.11 -31.71 2.96
CA GLN C 96 0.83 -31.67 2.25
C GLN C 96 -0.34 -31.65 3.21
N TYR C 97 -0.30 -32.50 4.23
CA TYR C 97 -1.43 -32.56 5.15
C TYR C 97 -1.49 -31.33 6.05
N TYR C 98 -0.36 -30.69 6.28
CA TYR C 98 -0.37 -29.40 6.96
C TYR C 98 -0.09 -28.24 6.02
N THR C 99 -0.72 -27.08 6.25
CA THR C 99 -0.55 -25.95 5.36
C THR C 99 0.51 -24.87 5.29
N GLN C 100 1.30 -24.71 6.36
CA GLN C 100 2.36 -23.66 6.35
C GLN C 100 3.59 -24.13 7.12
N TYR C 101 4.79 -23.93 6.55
CA TYR C 101 6.07 -24.32 7.20
C TYR C 101 6.83 -23.04 7.58
N SER C 102 7.23 -22.93 8.85
CA SER C 102 7.92 -21.73 9.38
C SER C 102 9.43 -21.97 9.59
N GLY C 103 9.97 -23.09 9.10
CA GLY C 103 11.39 -23.38 9.37
C GLY C 103 12.23 -23.65 8.12
N THR C 104 13.55 -23.48 8.25
CA THR C 104 14.53 -23.69 7.16
C THR C 104 14.46 -25.14 6.66
N ILE C 105 14.54 -25.34 5.34
CA ILE C 105 14.49 -26.71 4.76
C ILE C 105 15.95 -27.14 4.57
N ASN C 106 16.32 -28.32 5.07
CA ASN C 106 17.74 -28.76 5.00
C ASN C 106 17.96 -29.82 3.91
N LEU C 107 18.81 -29.51 2.93
CA LEU C 107 19.16 -30.46 1.88
C LEU C 107 20.43 -31.21 2.24
N HIS C 108 20.74 -32.21 1.41
CA HIS C 108 21.97 -32.98 1.54
C HIS C 108 22.50 -33.26 0.14
N PHE C 109 23.80 -33.53 0.06
CA PHE C 109 24.41 -33.95 -1.18
C PHE C 109 25.52 -34.94 -0.86
N MET C 110 25.64 -35.96 -1.72
CA MET C 110 26.69 -36.99 -1.59
C MET C 110 27.23 -37.30 -2.99
N PHE C 111 28.42 -37.92 -3.08
CA PHE C 111 29.02 -38.23 -4.41
C PHE C 111 29.10 -39.74 -4.59
N THR C 112 28.45 -40.25 -5.65
CA THR C 112 28.47 -41.72 -5.94
C THR C 112 29.59 -42.00 -6.96
N GLY C 113 30.26 -40.95 -7.43
CA GLY C 113 31.32 -41.09 -8.46
C GLY C 113 32.61 -41.71 -7.95
N PRO C 114 33.51 -42.15 -8.85
CA PRO C 114 34.79 -42.76 -8.45
C PRO C 114 35.77 -41.69 -7.94
N THR C 115 36.79 -42.13 -7.20
CA THR C 115 37.83 -41.24 -6.62
C THR C 115 38.64 -40.52 -7.71
N ASP C 116 38.82 -41.17 -8.86
CA ASP C 116 39.62 -40.63 -10.00
C ASP C 116 39.05 -39.30 -10.49
N ALA C 117 37.71 -39.16 -10.58
CA ALA C 117 37.12 -37.90 -11.09
C ALA C 117 36.40 -37.12 -9.98
N LYS C 118 36.75 -35.84 -9.83
CA LYS C 118 36.12 -34.95 -8.81
C LYS C 118 35.36 -33.82 -9.51
N ALA C 119 34.66 -32.99 -8.75
CA ALA C 119 33.92 -31.88 -9.33
C ALA C 119 33.73 -30.80 -8.27
N ARG C 120 33.26 -29.64 -8.72
CA ARG C 120 33.08 -28.48 -7.86
C ARG C 120 31.62 -28.05 -7.99
N TYR C 121 30.76 -28.52 -7.09
CA TYR C 121 29.36 -28.17 -7.11
C TYR C 121 29.12 -26.90 -6.32
N MET C 122 28.16 -26.10 -6.78
CA MET C 122 27.74 -24.91 -6.08
C MET C 122 26.23 -24.78 -6.20
N ILE C 123 25.57 -24.57 -5.08
CA ILE C 123 24.12 -24.48 -5.02
C ILE C 123 23.74 -23.08 -4.59
N ALA C 124 22.78 -22.48 -5.29
CA ALA C 124 22.49 -21.07 -5.15
C ALA C 124 21.02 -20.85 -4.83
N TYR C 125 20.76 -19.90 -3.94
CA TYR C 125 19.41 -19.45 -3.61
C TYR C 125 19.05 -18.25 -4.45
N ALA C 126 17.75 -18.00 -4.58
CA ALA C 126 17.31 -16.86 -5.37
C ALA C 126 16.01 -16.48 -4.66
N PRO C 127 15.87 -15.21 -4.27
CA PRO C 127 14.65 -14.77 -3.58
C PRO C 127 13.66 -14.51 -4.70
N PRO C 128 12.38 -14.35 -4.37
CA PRO C 128 11.34 -14.37 -5.42
C PRO C 128 11.36 -13.19 -6.37
N GLY C 129 12.13 -12.15 -6.07
CA GLY C 129 11.98 -10.89 -6.76
C GLY C 129 12.00 -10.99 -8.27
N MET C 130 13.03 -11.62 -8.84
CA MET C 130 13.16 -11.61 -10.29
C MET C 130 13.55 -13.01 -10.76
N GLU C 131 13.78 -13.12 -12.06
CA GLU C 131 14.04 -14.35 -12.78
C GLU C 131 15.11 -15.18 -12.09
N PRO C 132 14.84 -16.45 -11.81
CA PRO C 132 15.87 -17.34 -11.29
C PRO C 132 17.05 -17.41 -12.23
N PRO C 133 18.26 -17.56 -11.71
CA PRO C 133 19.45 -17.47 -12.55
C PRO C 133 19.56 -18.66 -13.49
N LYS C 134 20.49 -18.54 -14.44
CA LYS C 134 20.71 -19.59 -15.42
C LYS C 134 22.17 -20.02 -15.48
N THR C 135 23.10 -19.22 -14.97
CA THR C 135 24.52 -19.49 -15.08
C THR C 135 25.27 -19.13 -13.82
N PRO C 136 26.26 -19.93 -13.41
CA PRO C 136 26.96 -19.67 -12.14
C PRO C 136 27.46 -18.25 -11.99
N GLU C 137 28.14 -17.72 -13.02
CA GLU C 137 28.63 -16.35 -12.95
C GLU C 137 27.49 -15.39 -12.63
N ALA C 138 26.30 -15.69 -13.15
CA ALA C 138 25.13 -14.80 -12.92
C ALA C 138 24.50 -15.06 -11.55
N ALA C 139 24.65 -16.29 -11.02
CA ALA C 139 24.07 -16.64 -9.71
C ALA C 139 25.10 -16.44 -8.59
N ALA C 140 26.31 -16.00 -8.95
CA ALA C 140 27.41 -15.81 -7.97
C ALA C 140 27.03 -14.73 -6.94
N HIS C 141 26.41 -13.64 -7.38
CA HIS C 141 26.08 -12.50 -6.48
C HIS C 141 25.13 -12.93 -5.36
N CYS C 142 24.14 -13.77 -5.65
CA CYS C 142 23.16 -14.21 -4.63
C CYS C 142 23.80 -15.20 -3.65
N ILE C 143 23.21 -15.35 -2.46
CA ILE C 143 23.79 -16.25 -1.41
C ILE C 143 23.90 -17.66 -1.98
N HIS C 144 25.05 -18.32 -1.77
CA HIS C 144 25.29 -19.68 -2.28
C HIS C 144 26.52 -20.29 -1.61
N ALA C 145 26.68 -21.61 -1.74
CA ALA C 145 27.80 -22.34 -1.17
C ALA C 145 28.63 -23.05 -2.24
N GLU C 146 29.85 -23.42 -1.88
CA GLU C 146 30.75 -24.10 -2.81
C GLU C 146 31.41 -25.28 -2.08
N TRP C 147 31.65 -26.35 -2.81
CA TRP C 147 32.32 -27.49 -2.19
C TRP C 147 32.90 -28.41 -3.25
N ASP C 148 33.81 -29.27 -2.80
CA ASP C 148 34.43 -30.31 -3.60
C ASP C 148 34.70 -31.64 -2.92
N THR C 149 34.46 -32.73 -3.68
CA THR C 149 34.46 -34.06 -3.09
C THR C 149 35.77 -34.84 -3.03
N GLY C 150 36.66 -34.47 -2.13
CA GLY C 150 37.96 -35.12 -2.07
C GLY C 150 38.08 -36.24 -1.05
N LEU C 151 37.82 -35.95 0.21
CA LEU C 151 38.07 -36.89 1.30
C LEU C 151 36.85 -37.43 2.03
N ASN C 152 35.73 -36.72 1.95
CA ASN C 152 34.46 -37.21 2.45
C ASN C 152 33.37 -36.47 1.70
N SER C 153 32.41 -37.21 1.18
CA SER C 153 31.45 -36.64 0.24
C SER C 153 30.20 -35.96 0.79
N LYS C 154 29.56 -36.53 1.81
CA LYS C 154 28.28 -36.00 2.29
C LYS C 154 28.42 -34.57 2.77
N PHE C 155 27.80 -33.64 2.04
CA PHE C 155 27.89 -32.22 2.35
C PHE C 155 26.50 -31.69 2.65
N THR C 156 26.26 -31.30 3.90
CA THR C 156 25.02 -30.66 4.26
C THR C 156 24.94 -29.28 3.63
N PHE C 157 23.74 -28.71 3.63
CA PHE C 157 23.54 -27.33 3.22
C PHE C 157 22.21 -26.99 3.88
N SER C 158 21.98 -25.71 4.15
CA SER C 158 20.83 -25.29 4.93
C SER C 158 20.23 -24.16 4.11
N ILE C 159 19.32 -24.51 3.21
CA ILE C 159 18.57 -23.45 2.52
C ILE C 159 17.80 -22.65 3.57
N PRO C 160 18.10 -21.40 3.77
CA PRO C 160 17.46 -20.66 4.86
C PRO C 160 16.16 -20.03 4.40
N TYR C 161 15.16 -20.02 5.28
CA TYR C 161 13.88 -19.42 4.96
C TYR C 161 13.94 -17.95 5.37
N LEU C 162 13.96 -17.07 4.37
CA LEU C 162 13.91 -15.64 4.58
C LEU C 162 12.52 -15.13 4.23
N SER C 163 12.12 -14.07 4.93
CA SER C 163 10.71 -13.84 5.22
C SER C 163 10.05 -12.85 4.27
N ALA C 164 8.88 -13.22 3.79
CA ALA C 164 7.86 -12.26 3.42
C ALA C 164 6.83 -12.07 4.53
N ALA C 165 6.88 -12.92 5.54
CA ALA C 165 5.93 -12.96 6.64
C ALA C 165 6.46 -13.99 7.62
N ASP C 166 5.87 -14.07 8.80
CA ASP C 166 6.29 -15.12 9.72
C ASP C 166 5.95 -16.57 9.42
N TYR C 167 5.02 -16.81 8.50
CA TYR C 167 4.75 -18.13 7.98
C TYR C 167 4.75 -18.03 6.46
N ALA C 168 4.69 -19.17 5.78
CA ALA C 168 4.60 -19.20 4.34
C ALA C 168 3.88 -20.46 3.89
N TYR C 169 3.14 -20.35 2.79
CA TYR C 169 2.27 -21.44 2.36
C TYR C 169 3.06 -22.63 1.87
N THR C 170 2.47 -23.82 2.02
CA THR C 170 3.05 -25.04 1.48
C THR C 170 2.20 -25.67 0.39
N ALA C 171 1.00 -25.18 0.14
CA ALA C 171 0.26 -25.56 -1.05
C ALA C 171 0.21 -24.35 -1.97
N SER C 172 1.00 -24.40 -3.03
CA SER C 172 1.16 -23.27 -3.94
C SER C 172 -0.13 -23.07 -4.69
N ASP C 173 -0.73 -21.90 -4.52
CA ASP C 173 -2.04 -21.62 -5.08
C ASP C 173 -1.91 -21.30 -6.56
N ALA C 174 -2.94 -21.66 -7.32
CA ALA C 174 -2.95 -21.43 -8.76
C ALA C 174 -3.13 -19.97 -9.13
N ALA C 175 -3.12 -19.06 -8.15
CA ALA C 175 -3.32 -17.65 -8.44
C ALA C 175 -2.11 -17.07 -9.18
N GLU C 176 -0.94 -17.11 -8.55
CA GLU C 176 0.24 -16.47 -9.10
C GLU C 176 0.96 -17.39 -10.08
N THR C 177 2.14 -16.96 -10.51
CA THR C 177 2.97 -17.74 -11.41
C THR C 177 4.41 -17.86 -10.97
N THR C 178 4.89 -17.02 -10.06
CA THR C 178 6.23 -17.12 -9.50
C THR C 178 6.07 -17.65 -8.08
N ASN C 179 6.66 -18.82 -7.82
CA ASN C 179 6.54 -19.41 -6.50
C ASN C 179 7.15 -18.50 -5.46
N VAL C 180 6.50 -18.46 -4.29
CA VAL C 180 6.73 -17.35 -3.36
C VAL C 180 8.13 -17.44 -2.74
N GLN C 181 8.54 -18.63 -2.31
CA GLN C 181 9.81 -18.76 -1.61
C GLN C 181 10.99 -18.90 -2.55
N GLY C 182 10.82 -18.52 -3.82
CA GLY C 182 11.93 -18.44 -4.74
C GLY C 182 12.53 -19.77 -5.16
N TRP C 183 13.43 -19.72 -6.13
CA TRP C 183 14.00 -20.93 -6.71
C TRP C 183 15.27 -21.34 -5.97
N VAL C 184 15.77 -22.52 -6.35
CA VAL C 184 17.09 -22.98 -5.98
C VAL C 184 17.80 -23.40 -7.27
N CYS C 185 19.05 -23.80 -7.14
CA CYS C 185 19.83 -24.19 -8.31
C CYS C 185 20.75 -25.35 -7.96
N LEU C 186 21.46 -25.82 -8.97
CA LEU C 186 22.54 -26.79 -8.78
C LEU C 186 23.38 -26.44 -9.99
N PHE C 187 24.69 -26.45 -9.85
CA PHE C 187 25.56 -25.92 -10.90
C PHE C 187 26.84 -26.74 -10.87
N GLN C 188 27.35 -27.01 -12.07
CA GLN C 188 28.63 -27.69 -12.24
C GLN C 188 29.62 -26.67 -12.81
N ILE C 189 30.24 -25.92 -11.91
CA ILE C 189 31.19 -24.91 -12.40
C ILE C 189 32.41 -25.60 -12.99
N THR C 190 32.77 -26.77 -12.49
CA THR C 190 33.78 -27.58 -13.15
C THR C 190 33.67 -29.02 -12.67
N HIS C 191 33.92 -29.93 -13.59
CA HIS C 191 34.06 -31.35 -13.28
C HIS C 191 35.37 -31.83 -13.85
N GLY C 192 35.98 -32.79 -13.19
CA GLY C 192 37.21 -33.36 -13.71
C GLY C 192 36.93 -34.25 -14.89
N LYS C 193 37.74 -35.29 -15.06
CA LYS C 193 37.50 -36.24 -16.14
C LYS C 193 36.50 -37.31 -15.76
N ALA C 194 35.70 -37.09 -14.72
CA ALA C 194 34.63 -38.01 -14.38
C ALA C 194 33.41 -37.73 -15.24
N ASP C 195 32.62 -38.77 -15.47
CA ASP C 195 31.36 -38.66 -16.21
C ASP C 195 30.49 -39.86 -15.85
N GLY C 196 29.19 -39.65 -15.93
CA GLY C 196 28.25 -40.67 -15.52
C GLY C 196 28.56 -41.04 -14.08
N ASP C 197 28.89 -40.03 -13.27
CA ASP C 197 29.15 -40.25 -11.85
C ASP C 197 27.85 -39.68 -11.31
N ALA C 198 27.06 -40.53 -10.67
CA ALA C 198 25.78 -40.10 -10.15
C ALA C 198 25.97 -39.15 -8.97
N LEU C 199 25.06 -38.20 -8.84
CA LEU C 199 24.95 -37.36 -7.66
C LEU C 199 23.51 -37.44 -7.16
N VAL C 200 23.33 -37.95 -5.96
CA VAL C 200 22.00 -38.13 -5.37
C VAL C 200 21.80 -37.10 -4.28
N VAL C 201 20.60 -36.52 -4.24
CA VAL C 201 20.30 -35.44 -3.32
C VAL C 201 19.35 -35.93 -2.25
N LEU C 202 19.50 -35.40 -1.04
CA LEU C 202 18.74 -35.84 0.12
C LEU C 202 18.12 -34.63 0.81
N ALA C 203 16.84 -34.71 1.16
CA ALA C 203 16.12 -33.64 1.83
C ALA C 203 15.77 -34.06 3.25
N SER C 204 15.59 -33.07 4.12
CA SER C 204 15.39 -33.30 5.55
C SER C 204 15.07 -31.98 6.22
N ALA C 205 14.70 -32.06 7.49
CA ALA C 205 14.30 -30.88 8.25
C ALA C 205 15.38 -30.45 9.23
N GLY C 206 15.55 -29.14 9.36
CA GLY C 206 16.63 -28.58 10.15
C GLY C 206 16.32 -28.31 11.60
N LYS C 207 16.63 -27.11 12.09
CA LYS C 207 16.39 -26.77 13.49
C LYS C 207 15.03 -26.11 13.72
N ASP C 208 14.72 -25.03 13.00
CA ASP C 208 13.45 -24.34 13.15
C ASP C 208 12.56 -24.70 11.96
N PHE C 209 11.90 -25.85 12.05
CA PHE C 209 10.98 -26.31 11.02
C PHE C 209 9.73 -26.77 11.74
N GLU C 210 8.83 -25.84 12.02
CA GLU C 210 7.64 -26.09 12.83
C GLU C 210 6.41 -25.81 11.97
N LEU C 211 5.80 -26.86 11.43
CA LEU C 211 4.54 -26.70 10.72
C LEU C 211 3.45 -26.39 11.75
N ARG C 212 2.24 -26.11 11.27
CA ARG C 212 1.11 -25.93 12.18
C ARG C 212 -0.18 -25.90 11.35
N LEU C 213 -1.30 -25.79 12.05
CA LEU C 213 -2.63 -25.78 11.45
C LEU C 213 -3.03 -26.99 10.61
N PRO C 214 -2.98 -28.19 11.14
CA PRO C 214 -3.48 -29.37 10.41
C PRO C 214 -4.74 -29.19 9.59
N VAL C 215 -4.77 -29.82 8.41
CA VAL C 215 -5.91 -29.76 7.51
C VAL C 215 -6.00 -31.07 6.77
N ASP C 216 -7.01 -31.24 5.93
CA ASP C 216 -7.08 -32.36 5.03
C ASP C 216 -6.85 -31.91 3.59
N ALA C 217 -6.51 -32.88 2.75
CA ALA C 217 -6.33 -32.71 1.31
C ALA C 217 -6.28 -34.10 0.71
N ARG C 218 -6.80 -34.23 -0.51
CA ARG C 218 -7.10 -35.56 -1.03
C ARG C 218 -5.82 -36.39 -1.21
N THR C 219 -4.70 -35.75 -1.51
CA THR C 219 -3.42 -36.43 -1.74
C THR C 219 -3.55 -37.61 -2.69
N SER D 15 -10.83 -8.20 29.87
CA SER D 15 -10.36 -7.67 28.59
C SER D 15 -11.53 -7.33 27.70
N GLY D 16 -11.80 -8.19 26.72
CA GLY D 16 -12.91 -7.99 25.83
C GLY D 16 -14.23 -8.05 26.55
N ASN D 17 -15.30 -7.74 25.80
CA ASN D 17 -16.67 -7.71 26.38
C ASN D 17 -17.14 -9.12 26.70
N THR D 18 -16.82 -9.61 27.90
CA THR D 18 -17.25 -10.98 28.32
C THR D 18 -17.25 -11.08 29.86
N GLY D 19 -17.94 -12.09 30.39
CA GLY D 19 -18.00 -12.37 31.84
C GLY D 19 -17.07 -13.53 32.16
N SER D 20 -17.64 -14.70 32.45
CA SER D 20 -16.82 -15.91 32.71
C SER D 20 -15.74 -15.64 33.76
N ILE D 21 -16.12 -15.18 34.95
CA ILE D 21 -15.12 -14.89 36.03
C ILE D 21 -14.36 -16.18 36.37
N ILE D 22 -15.06 -17.32 36.44
CA ILE D 22 -14.43 -18.65 36.72
C ILE D 22 -13.57 -19.01 35.49
N ASN D 23 -12.45 -19.73 35.72
CA ASN D 23 -11.55 -20.14 34.67
C ASN D 23 -12.37 -20.86 33.61
N ASN D 24 -12.41 -20.30 32.40
CA ASN D 24 -13.15 -20.95 31.31
C ASN D 24 -12.72 -22.39 31.19
N TYR D 25 -13.70 -23.30 31.23
CA TYR D 25 -13.41 -24.72 31.41
C TYR D 25 -12.38 -25.23 30.39
N TYR D 26 -12.37 -24.66 29.18
CA TYR D 26 -11.35 -25.02 28.22
C TYR D 26 -10.04 -24.31 28.56
N MET D 27 -8.94 -25.04 28.46
CA MET D 27 -7.64 -24.44 28.70
C MET D 27 -7.37 -23.33 27.69
N GLN D 28 -6.59 -22.33 28.12
CA GLN D 28 -6.42 -21.13 27.32
C GLN D 28 -5.87 -21.43 25.93
N GLN D 29 -4.85 -22.31 25.87
CA GLN D 29 -4.26 -22.65 24.59
C GLN D 29 -5.30 -23.17 23.61
N TYR D 30 -6.20 -24.04 24.08
CA TYR D 30 -7.29 -24.47 23.22
C TYR D 30 -8.21 -23.30 22.88
N GLN D 31 -8.46 -22.42 23.85
CA GLN D 31 -9.44 -21.36 23.66
C GLN D 31 -9.02 -20.41 22.54
N ASN D 32 -7.91 -19.72 22.73
CA ASN D 32 -7.52 -18.66 21.83
C ASN D 32 -6.03 -18.78 21.50
N SER D 33 -5.57 -17.90 20.61
CA SER D 33 -4.18 -17.94 20.21
C SER D 33 -3.27 -17.52 21.36
N MET D 34 -1.97 -17.56 21.10
CA MET D 34 -0.95 -17.05 21.99
C MET D 34 0.06 -16.17 21.26
N ASP D 35 0.70 -15.28 22.01
CA ASP D 35 1.58 -14.28 21.42
C ASP D 35 3.04 -14.61 21.15
N THR D 36 3.49 -14.31 19.94
CA THR D 36 4.92 -14.22 19.67
C THR D 36 5.54 -13.19 20.61
N GLN D 37 6.84 -13.34 20.84
CA GLN D 37 7.54 -12.40 21.72
C GLN D 37 8.98 -12.30 21.28
N LEU D 38 9.50 -11.07 21.26
CA LEU D 38 10.86 -10.80 20.82
C LEU D 38 11.64 -10.11 21.92
N GLY D 39 12.92 -10.44 22.02
CA GLY D 39 13.80 -9.83 23.00
C GLY D 39 13.42 -10.14 24.43
N TRP D 67 0.05 3.57 21.27
CA TRP D 67 0.60 4.91 21.18
C TRP D 67 -0.37 6.07 21.22
N PHE D 68 -1.65 5.87 20.94
CA PHE D 68 -2.59 6.97 20.88
C PHE D 68 -3.06 7.35 22.27
N SER D 69 -2.89 6.48 23.26
CA SER D 69 -3.06 6.90 24.65
C SER D 69 -1.98 7.72 25.32
N LYS D 70 -0.72 7.53 24.91
CA LYS D 70 0.37 8.38 25.37
C LYS D 70 0.28 9.78 24.77
N LEU D 71 -0.65 10.02 23.86
CA LEU D 71 -0.82 11.34 23.29
C LEU D 71 -1.63 12.25 24.21
N ALA D 72 -2.72 11.73 24.77
CA ALA D 72 -3.61 12.56 25.57
C ALA D 72 -2.87 13.27 26.69
N SER D 73 -2.17 12.50 27.53
CA SER D 73 -1.46 13.07 28.66
C SER D 73 -0.49 14.17 28.26
N SER D 74 -0.04 14.18 27.01
CA SER D 74 0.84 15.24 26.52
C SER D 74 0.21 16.52 25.98
N ALA D 75 -1.05 16.71 26.31
CA ALA D 75 -1.79 17.89 25.86
C ALA D 75 -1.29 19.19 26.47
N PHE D 76 -1.24 20.23 25.65
CA PHE D 76 -0.79 21.54 26.11
C PHE D 76 -1.81 22.13 27.07
N SER D 77 -1.34 22.87 28.07
CA SER D 77 -2.20 23.49 29.06
C SER D 77 -1.74 24.89 29.44
N GLY D 78 -2.65 25.69 29.97
CA GLY D 78 -2.33 27.05 30.37
C GLY D 78 -2.49 28.10 29.28
N LEU D 79 -1.98 29.30 29.57
CA LEU D 79 -2.08 30.41 28.63
C LEU D 79 -0.72 31.03 28.33
N PHE D 80 -0.62 31.69 27.18
CA PHE D 80 0.63 32.30 26.74
C PHE D 80 1.24 33.23 27.79
N GLY D 81 0.38 33.90 28.56
CA GLY D 81 0.85 34.82 29.57
C GLY D 81 0.22 34.57 30.92
N ALA D 82 -0.70 35.45 31.33
CA ALA D 82 -1.32 35.39 32.63
C ALA D 82 -2.83 35.25 32.52
N LEU D 83 -3.47 35.04 33.66
CA LEU D 83 -4.91 35.00 33.80
C LEU D 83 -5.26 36.04 34.87
N LEU D 84 -5.55 37.26 34.42
CA LEU D 84 -5.83 38.35 35.34
C LEU D 84 -7.21 38.19 35.96
N ALA D 85 -7.54 39.12 36.85
CA ALA D 85 -8.84 39.17 37.53
C ALA D 85 -9.19 37.87 38.25
N SER E 7 -8.69 35.40 -34.23
CA SER E 7 -8.65 34.11 -34.97
C SER E 7 -7.96 34.32 -36.32
N GLY E 8 -6.72 34.84 -36.30
CA GLY E 8 -5.96 35.09 -37.54
C GLY E 8 -4.53 34.60 -37.43
N PRO E 9 -3.84 34.31 -38.56
CA PRO E 9 -2.45 33.83 -38.54
C PRO E 9 -1.45 35.00 -38.51
N SER E 10 -1.97 36.23 -38.59
CA SER E 10 -1.15 37.47 -38.58
C SER E 10 -0.13 37.45 -39.72
N LEU E 11 1.13 37.76 -39.41
CA LEU E 11 2.22 37.77 -40.44
C LEU E 11 3.47 37.08 -39.88
N VAL E 12 4.32 36.59 -40.79
CA VAL E 12 5.59 35.89 -40.37
C VAL E 12 6.79 36.69 -40.88
N LYS E 13 6.84 37.01 -42.17
CA LYS E 13 7.97 37.78 -42.75
C LYS E 13 8.23 39.10 -42.00
N PRO E 14 7.21 39.92 -41.66
CA PRO E 14 7.48 41.17 -40.94
C PRO E 14 8.07 40.90 -39.54
N SER E 15 9.05 41.71 -39.13
CA SER E 15 9.72 41.56 -37.82
C SER E 15 8.98 42.36 -36.75
N GLN E 16 7.92 43.08 -37.14
CA GLN E 16 7.12 43.90 -36.19
C GLN E 16 6.31 42.99 -35.25
N THR E 17 6.02 43.48 -34.04
CA THR E 17 5.26 42.68 -33.04
C THR E 17 3.86 42.39 -33.59
N LEU E 18 3.40 41.14 -33.40
CA LEU E 18 2.07 40.70 -33.89
C LEU E 18 0.96 41.46 -33.15
N SER E 19 -0.08 41.88 -33.87
CA SER E 19 -1.22 42.61 -33.25
C SER E 19 -2.51 41.80 -33.45
N LEU E 20 -3.18 41.45 -32.36
CA LEU E 20 -4.45 40.67 -32.42
C LEU E 20 -5.49 41.33 -31.52
N THR E 21 -6.02 42.49 -31.92
CA THR E 21 -7.03 43.21 -31.11
C THR E 21 -8.43 42.66 -31.39
N CYS E 22 -8.64 41.36 -31.18
CA CYS E 22 -9.95 40.75 -31.41
C CYS E 22 -10.37 41.17 -29.99
N THR E 23 -11.16 42.23 -29.88
CA THR E 23 -11.58 42.73 -28.58
C THR E 23 -12.90 43.34 -29.05
N ILE E 24 -13.95 42.91 -28.37
CA ILE E 24 -15.32 43.35 -28.61
C ILE E 24 -15.93 43.45 -27.22
N SER E 25 -16.85 44.39 -27.01
CA SER E 25 -17.44 44.53 -25.68
C SER E 25 -18.67 43.64 -25.43
N GLY E 26 -18.49 42.32 -25.54
CA GLY E 26 -19.59 41.42 -25.26
C GLY E 26 -19.89 41.58 -23.78
N PHE E 27 -18.80 41.65 -23.03
CA PHE E 27 -18.80 41.83 -21.59
C PHE E 27 -17.46 42.52 -21.36
N SER E 28 -17.29 43.24 -20.26
CA SER E 28 -15.99 43.89 -20.10
C SER E 28 -14.74 43.10 -19.74
N LEU E 29 -13.61 43.79 -19.77
CA LEU E 29 -12.30 43.23 -19.45
C LEU E 29 -12.19 43.88 -18.08
N SER E 30 -13.16 44.75 -17.77
CA SER E 30 -13.21 45.46 -16.45
C SER E 30 -13.10 44.48 -15.29
N SER E 31 -13.98 43.47 -15.23
CA SER E 31 -13.97 42.48 -14.11
C SER E 31 -13.59 41.07 -14.57
N TYR E 32 -13.11 40.88 -15.80
CA TYR E 32 -12.81 39.49 -16.25
C TYR E 32 -11.37 39.32 -16.78
N THR E 33 -11.01 38.06 -17.06
CA THR E 33 -9.74 37.65 -17.61
C THR E 33 -9.84 37.36 -19.10
N ILE E 34 -8.77 37.65 -19.83
CA ILE E 34 -8.73 37.48 -21.27
C ILE E 34 -7.36 36.87 -21.51
N GLY E 35 -7.26 35.95 -22.47
CA GLY E 35 -6.04 35.20 -22.68
C GLY E 35 -5.65 35.15 -24.13
N TRP E 36 -4.39 34.79 -24.40
CA TRP E 36 -3.88 34.73 -25.77
C TRP E 36 -3.10 33.46 -25.98
N VAL E 37 -3.43 32.74 -27.04
CA VAL E 37 -2.89 31.40 -27.32
C VAL E 37 -2.28 31.39 -28.72
N ARG E 38 -1.18 30.66 -28.87
CA ARG E 38 -0.59 30.36 -30.16
C ARG E 38 -1.05 28.98 -30.60
N GLN E 39 -1.58 28.89 -31.82
CA GLN E 39 -2.08 27.62 -32.35
C GLN E 39 -1.85 27.63 -33.86
N ALA E 40 -1.02 26.72 -34.33
CA ALA E 40 -0.74 26.59 -35.76
C ALA E 40 -1.75 25.66 -36.40
N PRO E 41 -1.69 25.47 -37.73
CA PRO E 41 -2.42 24.37 -38.34
C PRO E 41 -2.16 23.06 -37.61
N GLY E 42 -0.89 22.69 -37.50
CA GLY E 42 -0.52 21.64 -36.57
C GLY E 42 0.84 21.86 -35.95
N LYS E 43 0.85 22.02 -34.62
CA LYS E 43 2.04 22.17 -33.78
C LYS E 43 1.59 22.18 -32.33
N ALA E 44 2.55 22.24 -31.41
CA ALA E 44 2.20 22.42 -30.00
C ALA E 44 1.58 23.77 -29.66
N LEU E 45 0.60 23.74 -28.76
CA LEU E 45 -0.14 24.93 -28.35
C LEU E 45 0.45 25.62 -27.14
N GLU E 46 0.68 26.92 -27.23
CA GLU E 46 1.24 27.70 -26.15
C GLU E 46 0.32 28.87 -25.84
N TRP E 47 0.17 29.17 -24.55
CA TRP E 47 -0.55 30.36 -24.14
C TRP E 47 0.43 31.52 -24.10
N ILE E 48 0.32 32.40 -25.10
CA ILE E 48 1.21 33.55 -25.20
C ILE E 48 1.10 34.43 -23.97
N GLY E 49 -0.13 34.65 -23.52
CA GLY E 49 -0.37 35.48 -22.35
C GLY E 49 -1.83 35.52 -21.93
N ASP E 50 -2.12 36.29 -20.89
CA ASP E 50 -3.48 36.42 -20.39
C ASP E 50 -3.62 37.61 -19.45
N MET E 51 -4.86 38.03 -19.18
CA MET E 51 -5.09 39.22 -18.31
C MET E 51 -6.17 38.94 -17.27
N SER E 52 -5.87 39.29 -16.01
CA SER E 52 -6.82 39.12 -14.88
C SER E 52 -6.90 40.44 -14.11
N ASN E 53 -8.02 40.70 -13.44
CA ASN E 53 -8.17 41.98 -12.69
C ASN E 53 -7.13 42.00 -11.55
N GLY E 54 -6.40 43.12 -11.45
CA GLY E 54 -5.36 43.29 -10.41
C GLY E 54 -4.05 43.76 -11.03
N GLY E 55 -4.05 43.94 -12.35
CA GLY E 55 -2.85 44.40 -13.09
C GLY E 55 -1.66 43.49 -12.85
N MET E 56 -1.88 42.18 -12.85
CA MET E 56 -0.78 41.19 -12.62
C MET E 56 -0.84 40.11 -13.71
N PRO E 57 -0.46 40.43 -14.97
CA PRO E 57 -0.45 39.44 -16.05
C PRO E 57 0.97 38.95 -16.30
N TYR E 58 1.17 37.63 -16.29
CA TYR E 58 2.52 37.03 -16.51
C TYR E 58 2.50 36.17 -17.79
N TYR E 59 3.50 36.36 -18.65
CA TYR E 59 3.62 35.59 -19.91
C TYR E 59 4.37 34.28 -19.67
N ASN E 60 4.55 33.49 -20.73
CA ASN E 60 5.27 32.18 -20.63
C ASN E 60 6.76 32.42 -20.36
N PRO E 61 7.43 31.54 -19.58
CA PRO E 61 8.86 31.69 -19.27
C PRO E 61 9.80 31.58 -20.48
N ALA E 62 9.52 30.66 -21.41
CA ALA E 62 10.38 30.45 -22.58
C ALA E 62 10.46 31.72 -23.43
N LEU E 63 9.31 32.38 -23.64
CA LEU E 63 9.27 33.65 -24.42
C LEU E 63 9.01 34.77 -23.42
N LYS E 64 10.03 35.13 -22.63
CA LYS E 64 9.82 36.14 -21.58
C LYS E 64 10.06 37.61 -21.92
N SER E 65 11.11 37.89 -22.68
CA SER E 65 11.54 39.27 -22.86
C SER E 65 10.82 39.75 -24.12
N ARG E 66 10.89 38.96 -25.19
CA ARG E 66 10.34 39.38 -26.48
C ARG E 66 8.83 39.51 -26.48
N LEU E 67 8.15 39.08 -25.42
CA LEU E 67 6.70 38.97 -25.39
C LEU E 67 6.11 39.99 -24.43
N SER E 68 4.98 40.59 -24.84
CA SER E 68 4.27 41.63 -24.05
C SER E 68 2.85 41.82 -24.60
N ILE E 69 1.86 41.84 -23.71
CA ILE E 69 0.43 42.03 -24.11
C ILE E 69 -0.08 43.34 -23.51
N THR E 70 -0.72 44.19 -24.33
CA THR E 70 -1.26 45.49 -23.86
C THR E 70 -2.35 45.22 -22.83
N LYS E 71 -2.39 46.01 -21.74
CA LYS E 71 -3.39 45.82 -20.67
C LYS E 71 -4.30 47.05 -20.56
N HIS E 72 -4.98 47.42 -21.65
CA HIS E 72 -5.89 48.55 -21.61
C HIS E 72 -7.34 48.08 -21.49
N ASN E 73 -8.08 48.73 -20.59
CA ASN E 73 -9.48 48.41 -20.35
C ASN E 73 -10.45 49.22 -21.20
N SER E 74 -9.91 50.16 -21.98
CA SER E 74 -10.76 50.99 -22.82
C SER E 74 -11.06 50.26 -24.13
N LYS E 75 -12.34 50.09 -24.42
CA LYS E 75 -12.77 49.40 -25.63
C LYS E 75 -12.57 47.90 -25.45
N SER E 76 -12.31 47.48 -24.22
CA SER E 76 -12.10 46.08 -23.93
C SER E 76 -11.04 45.47 -24.86
N GLN E 77 -9.99 46.24 -25.14
CA GLN E 77 -8.92 45.81 -26.05
C GLN E 77 -7.66 45.13 -25.47
N VAL E 78 -6.96 44.41 -26.33
CA VAL E 78 -5.74 43.69 -25.98
C VAL E 78 -4.85 43.63 -27.21
N ARG E 79 -3.67 44.24 -27.12
CA ARG E 79 -2.74 44.34 -28.24
C ARG E 79 -1.47 43.58 -27.89
N LEU E 80 -1.19 42.52 -28.65
CA LEU E 80 0.02 41.74 -28.42
C LEU E 80 1.24 42.60 -28.67
N SER E 81 2.21 42.53 -27.77
CA SER E 81 3.47 43.25 -27.91
C SER E 81 4.58 42.20 -27.93
N VAL E 82 4.84 41.64 -29.11
CA VAL E 82 5.87 40.63 -29.29
C VAL E 82 6.82 41.11 -30.39
N SER E 83 8.05 41.41 -30.01
CA SER E 83 9.07 41.83 -30.94
C SER E 83 10.03 40.67 -31.22
N SER E 84 10.97 40.90 -32.13
CA SER E 84 11.93 39.87 -32.55
C SER E 84 11.21 38.63 -33.06
N VAL E 85 10.08 38.83 -33.74
CA VAL E 85 9.29 37.71 -34.22
C VAL E 85 10.01 37.06 -35.39
N THR E 86 10.23 35.78 -35.29
CA THR E 86 10.88 34.83 -36.18
C THR E 86 9.87 34.21 -37.12
N PRO E 87 10.24 33.92 -38.38
CA PRO E 87 9.31 33.28 -39.32
C PRO E 87 8.60 32.04 -38.79
N GLU E 88 9.10 31.43 -37.71
CA GLU E 88 8.44 30.26 -37.16
C GLU E 88 7.24 30.60 -36.28
N ASP E 89 7.02 31.87 -35.95
CA ASP E 89 5.84 32.28 -35.19
C ASP E 89 4.84 32.46 -36.34
N THR E 90 4.29 31.33 -36.76
CA THR E 90 3.28 31.27 -37.82
C THR E 90 2.20 30.42 -37.19
N ALA E 91 1.17 31.08 -36.66
CA ALA E 91 0.10 30.38 -35.97
C ALA E 91 -1.08 31.31 -35.80
N THR E 92 -2.25 30.71 -35.56
CA THR E 92 -3.48 31.44 -35.38
C THR E 92 -3.71 31.69 -33.89
N TYR E 93 -4.13 32.91 -33.56
CA TYR E 93 -4.38 33.31 -32.18
C TYR E 93 -5.87 33.53 -31.98
N TYR E 94 -6.29 33.53 -30.71
CA TYR E 94 -7.70 33.58 -30.38
C TYR E 94 -7.92 34.37 -29.10
N CYS E 95 -9.04 35.10 -29.07
CA CYS E 95 -9.44 35.89 -27.93
C CYS E 95 -9.92 34.72 -27.08
N ALA E 96 -9.33 34.55 -25.90
CA ALA E 96 -9.61 33.41 -25.04
C ALA E 96 -10.04 34.10 -23.76
N LYS E 97 -11.16 33.63 -23.20
CA LYS E 97 -11.76 34.22 -22.01
C LYS E 97 -11.82 33.17 -20.89
N SER E 98 -11.43 33.57 -19.69
CA SER E 98 -11.54 32.72 -18.51
C SER E 98 -12.36 33.46 -17.45
N ARG E 99 -12.70 32.75 -16.39
CA ARG E 99 -13.57 33.29 -15.34
C ARG E 99 -12.30 33.85 -14.71
N TYR E 100 -12.48 34.54 -13.57
CA TYR E 100 -11.39 35.21 -12.82
C TYR E 100 -10.26 34.54 -12.03
N THR E 101 -9.16 35.28 -11.83
CA THR E 101 -7.96 34.85 -11.05
C THR E 101 -7.39 33.52 -11.57
N GLY E 102 -7.40 33.32 -12.89
CA GLY E 102 -6.83 32.10 -13.50
C GLY E 102 -5.47 32.39 -14.09
N ASP E 103 -5.03 33.64 -14.00
CA ASP E 103 -3.72 34.06 -14.56
C ASP E 103 -2.59 33.32 -13.85
N GLY E 104 -2.66 33.20 -12.52
CA GLY E 104 -1.56 32.54 -11.78
C GLY E 104 -0.27 33.24 -12.15
N SER E 105 0.74 32.48 -12.58
CA SER E 105 1.97 33.15 -13.08
C SER E 105 2.13 32.86 -14.57
N ILE E 106 2.16 31.58 -14.98
CA ILE E 106 2.33 31.23 -16.42
C ILE E 106 0.94 30.65 -16.79
N GLY E 107 0.74 30.29 -18.06
CA GLY E 107 -0.51 29.67 -18.48
C GLY E 107 -1.06 28.37 -17.94
N LEU E 108 -2.23 28.41 -17.28
CA LEU E 108 -2.83 27.19 -16.69
C LEU E 108 -4.23 27.00 -17.28
N TYR E 109 -4.53 25.81 -17.80
CA TYR E 109 -5.93 25.36 -18.01
C TYR E 109 -6.01 23.83 -17.85
N GLY E 110 -7.23 23.32 -17.66
CA GLY E 110 -7.43 21.96 -17.13
C GLY E 110 -7.56 21.95 -15.61
N VAL E 111 -7.43 23.13 -14.98
CA VAL E 111 -7.58 23.25 -13.50
C VAL E 111 -9.08 23.29 -13.16
N ASP E 112 -9.48 22.57 -12.11
CA ASP E 112 -10.91 22.49 -11.68
C ASP E 112 -11.38 23.80 -11.05
N ALA E 113 -12.70 24.03 -11.05
CA ALA E 113 -13.35 25.24 -10.49
C ALA E 113 -12.73 26.49 -11.13
N TRP E 114 -11.86 26.28 -12.13
CA TRP E 114 -11.20 27.36 -12.84
C TRP E 114 -11.70 27.22 -14.27
N GLY E 115 -12.14 26.01 -14.60
CA GLY E 115 -12.66 25.67 -15.92
C GLY E 115 -14.02 26.27 -16.22
N ILE F 22 -10.27 8.31 -26.46
CA ILE F 22 -8.96 8.70 -26.97
C ILE F 22 -7.97 8.87 -25.82
N THR F 23 -6.68 8.90 -26.15
CA THR F 23 -5.65 9.06 -25.15
C THR F 23 -4.40 9.65 -25.81
N CYS F 24 -3.57 10.30 -25.00
CA CYS F 24 -2.31 10.90 -25.51
C CYS F 24 -1.11 10.22 -24.84
N SER F 25 0.11 10.49 -25.32
CA SER F 25 1.33 9.88 -24.74
C SER F 25 1.96 10.88 -23.77
N GLY F 26 2.11 10.50 -22.50
CA GLY F 26 2.18 11.49 -21.41
C GLY F 26 2.79 10.94 -20.14
N THR F 27 3.93 11.50 -19.74
CA THR F 27 4.64 11.14 -18.52
C THR F 27 3.80 11.42 -17.27
N TYR F 28 4.01 10.63 -16.23
CA TYR F 28 3.25 10.79 -15.00
C TYR F 28 3.49 12.15 -14.32
N SER F 29 4.74 12.60 -14.29
CA SER F 29 5.06 13.87 -13.65
C SER F 29 4.59 15.16 -14.32
N ASN F 30 4.32 15.08 -15.63
CA ASN F 30 3.85 16.24 -16.42
C ASN F 30 2.38 16.58 -16.10
N VAL F 31 1.52 15.56 -16.01
CA VAL F 31 0.08 15.81 -15.69
C VAL F 31 -0.40 14.81 -14.63
N GLY F 32 0.32 13.69 -14.50
CA GLY F 32 -0.05 12.61 -13.56
C GLY F 32 0.02 13.02 -12.08
N THR F 33 1.04 13.77 -11.68
CA THR F 33 1.22 14.10 -10.24
C THR F 33 0.48 15.44 -10.15
N GLY F 34 -0.82 15.40 -9.83
CA GLY F 34 -1.63 16.57 -9.62
C GLY F 34 -1.96 17.58 -10.75
N ASN F 35 -2.21 17.06 -11.96
CA ASN F 35 -2.55 17.89 -13.11
C ASN F 35 -3.98 17.65 -13.69
N TYR F 36 -4.52 18.60 -14.47
CA TYR F 36 -5.87 18.43 -15.06
C TYR F 36 -5.80 18.50 -16.59
N VAL F 37 -6.37 17.50 -17.27
CA VAL F 37 -6.37 17.44 -18.75
C VAL F 37 -7.82 17.50 -19.22
N SER F 38 -8.20 18.51 -20.02
CA SER F 38 -9.60 18.64 -20.50
C SER F 38 -9.26 19.74 -21.53
N TRP F 39 -9.62 19.63 -22.83
CA TRP F 39 -9.27 20.82 -23.61
C TRP F 39 -10.24 20.25 -24.65
N PHE F 40 -11.14 21.10 -25.15
CA PHE F 40 -12.13 20.69 -26.14
C PHE F 40 -12.21 21.63 -27.35
N GLN F 41 -12.36 21.06 -28.54
CA GLN F 41 -12.47 21.84 -29.78
C GLN F 41 -13.53 21.23 -30.68
N GLN F 42 -14.07 22.10 -31.52
CA GLN F 42 -15.04 21.84 -32.58
C GLN F 42 -14.38 22.72 -33.63
N ILE F 43 -13.23 22.28 -34.11
CA ILE F 43 -12.43 23.06 -35.05
C ILE F 43 -13.07 23.43 -36.39
N PRO F 44 -13.83 22.45 -37.01
CA PRO F 44 -14.40 22.88 -38.29
C PRO F 44 -15.90 23.19 -38.23
N SER F 46 -14.78 27.31 -37.17
CA SER F 46 -13.42 26.77 -37.05
C SER F 46 -12.71 27.12 -35.76
N ALA F 47 -13.48 27.52 -34.75
CA ALA F 47 -12.92 27.99 -33.48
C ALA F 47 -12.39 26.94 -32.50
N PRO F 48 -11.06 26.78 -32.41
CA PRO F 48 -10.51 25.94 -31.34
C PRO F 48 -10.71 26.41 -29.92
N ARG F 49 -11.22 27.62 -29.78
CA ARG F 49 -11.49 28.25 -28.51
C ARG F 49 -12.81 28.02 -27.77
N THR F 50 -13.59 27.03 -28.21
CA THR F 50 -14.83 26.68 -27.54
C THR F 50 -14.56 26.38 -26.07
N LEU F 51 -15.16 27.18 -25.19
CA LEU F 51 -14.96 26.95 -23.77
C LEU F 51 -15.54 25.57 -23.56
N ILE F 52 -14.72 24.60 -23.25
CA ILE F 52 -15.15 23.22 -23.25
C ILE F 52 -14.05 22.39 -22.61
N TYR F 53 -14.44 21.34 -21.89
CA TYR F 53 -13.61 20.79 -20.82
C TYR F 53 -13.95 19.32 -20.68
N SER F 54 -13.13 18.60 -19.94
CA SER F 54 -13.33 17.16 -19.89
C SER F 54 -13.37 16.43 -18.55
N VAL F 55 -12.66 16.99 -17.56
CA VAL F 55 -12.66 16.42 -16.18
C VAL F 55 -14.07 16.68 -15.63
N THR F 56 -14.67 17.79 -16.05
CA THR F 56 -16.03 18.23 -15.67
C THR F 56 -16.79 18.60 -16.96
N ASN F 57 -18.13 18.60 -16.90
CA ASN F 57 -18.97 18.84 -18.11
C ASN F 57 -19.73 20.18 -17.99
N ARG F 58 -19.00 21.27 -17.70
CA ARG F 58 -19.60 22.62 -17.60
C ARG F 58 -19.51 23.33 -18.97
N ALA F 59 -19.93 24.61 -19.01
CA ALA F 59 -19.97 25.56 -20.15
C ALA F 59 -21.19 25.31 -21.05
N SER F 60 -22.12 24.44 -20.59
CA SER F 60 -23.42 24.11 -21.23
C SER F 60 -23.31 23.27 -22.52
N GLY F 61 -22.58 23.74 -23.53
CA GLY F 61 -22.45 23.05 -24.82
C GLY F 61 -21.77 21.69 -24.72
N VAL F 62 -22.21 20.75 -25.57
CA VAL F 62 -21.67 19.36 -25.71
C VAL F 62 -21.62 18.61 -24.38
N PRO F 63 -22.70 18.61 -23.56
CA PRO F 63 -22.70 17.92 -22.28
C PRO F 63 -22.98 16.42 -22.41
N ASP F 64 -23.93 16.06 -23.27
CA ASP F 64 -24.33 14.64 -23.50
C ASP F 64 -23.68 14.07 -24.77
N ARG F 65 -23.09 12.87 -24.63
CA ARG F 65 -22.43 12.01 -25.66
C ARG F 65 -20.99 12.45 -25.96
N PHE F 66 -20.53 13.57 -25.36
CA PHE F 66 -19.15 14.03 -25.58
C PHE F 66 -18.41 14.11 -24.23
N SER F 67 -19.10 13.72 -23.15
CA SER F 67 -18.53 13.77 -21.78
C SER F 67 -17.34 12.81 -21.68
N GLY F 68 -16.26 13.27 -21.04
CA GLY F 68 -15.04 12.46 -20.84
C GLY F 68 -14.68 12.41 -19.37
N SER F 69 -13.39 12.13 -19.08
CA SER F 69 -12.78 11.99 -17.77
C SER F 69 -11.31 11.62 -17.93
N ARG F 70 -10.56 11.79 -16.84
CA ARG F 70 -9.15 11.44 -16.80
C ARG F 70 -8.82 10.35 -15.78
N SER F 71 -7.83 9.54 -16.10
CA SER F 71 -7.35 8.48 -15.20
C SER F 71 -6.19 8.76 -14.25
N GLY F 72 -5.78 7.74 -13.51
CA GLY F 72 -4.60 7.83 -12.66
C GLY F 72 -3.28 8.17 -13.31
N HIS F 73 -3.20 8.06 -14.63
CA HIS F 73 -2.08 8.56 -15.40
C HIS F 73 -2.62 8.85 -16.80
N THR F 74 -1.74 9.28 -17.71
CA THR F 74 -2.17 9.71 -18.99
C THR F 74 -3.31 8.69 -19.37
N ALA F 75 -4.49 9.16 -19.63
CA ALA F 75 -5.50 8.48 -20.32
C ALA F 75 -6.19 9.85 -20.45
N THR F 76 -7.27 9.94 -21.20
CA THR F 76 -7.73 11.24 -21.66
C THR F 76 -9.20 10.87 -21.87
N LEU F 77 -10.00 11.87 -22.23
CA LEU F 77 -11.44 11.79 -22.24
C LEU F 77 -11.96 10.63 -23.09
N THR F 78 -13.07 10.07 -22.66
CA THR F 78 -13.81 9.07 -23.42
C THR F 78 -15.24 9.54 -23.64
N ILE F 79 -15.87 9.05 -24.70
CA ILE F 79 -17.25 9.44 -25.06
C ILE F 79 -17.97 8.18 -25.50
N SER F 80 -19.27 8.30 -25.71
CA SER F 80 -20.07 7.19 -26.30
C SER F 80 -19.84 6.61 -27.68
N SER F 81 -19.62 5.31 -27.74
CA SER F 81 -19.32 4.68 -29.02
C SER F 81 -20.33 4.31 -30.10
N LEU F 82 -19.81 3.65 -31.13
CA LEU F 82 -20.42 2.90 -32.24
C LEU F 82 -20.94 3.78 -33.37
N GLN F 83 -20.88 5.10 -33.18
CA GLN F 83 -21.31 6.07 -34.17
C GLN F 83 -20.54 7.36 -33.92
N ALA F 84 -20.30 8.15 -34.97
CA ALA F 84 -19.58 9.40 -34.79
C ALA F 84 -20.34 10.61 -35.32
N GLU F 85 -20.58 11.58 -34.44
CA GLU F 85 -21.31 12.80 -34.80
C GLU F 85 -20.44 14.05 -34.74
N ASP F 86 -19.13 13.88 -34.85
CA ASP F 86 -18.29 15.12 -34.95
C ASP F 86 -17.09 14.94 -35.89
N GLU F 87 -16.75 16.04 -36.58
CA GLU F 87 -15.72 16.04 -37.66
C GLU F 87 -14.30 16.20 -37.09
N ALA F 88 -13.30 15.92 -37.93
CA ALA F 88 -11.88 16.01 -37.53
C ALA F 88 -11.70 15.19 -36.26
N ASP F 89 -11.10 15.79 -35.23
CA ASP F 89 -10.92 15.11 -33.93
C ASP F 89 -10.55 16.24 -32.96
N TYR F 90 -10.66 15.93 -31.66
CA TYR F 90 -10.35 16.83 -30.55
C TYR F 90 -8.97 16.99 -29.94
N PHE F 91 -8.71 18.17 -29.40
CA PHE F 91 -7.43 18.48 -28.75
C PHE F 91 -7.38 18.26 -27.24
N CYS F 92 -6.19 17.90 -26.75
CA CYS F 92 -5.96 17.67 -25.31
C CYS F 92 -4.87 18.62 -24.82
N LEU F 93 -5.14 19.28 -23.68
CA LEU F 93 -4.20 20.23 -23.09
C LEU F 93 -3.92 19.91 -21.63
N SER F 94 -2.66 19.88 -21.25
CA SER F 94 -2.29 19.58 -19.87
C SER F 94 -1.24 20.53 -19.33
N TRP F 95 -1.45 21.01 -18.10
CA TRP F 95 -0.48 21.89 -17.48
C TRP F 95 0.73 21.02 -17.23
N GLN F 96 1.93 21.54 -17.48
CA GLN F 96 3.14 20.76 -17.27
C GLN F 96 4.10 21.45 -16.33
N SER F 97 4.52 20.70 -15.30
CA SER F 97 5.41 21.24 -14.22
C SER F 97 6.90 21.44 -14.51
N GLY F 98 7.50 20.68 -15.43
CA GLY F 98 8.94 20.82 -15.71
C GLY F 98 9.64 22.01 -16.33
N ASN F 99 8.88 22.53 -17.31
CA ASN F 99 9.03 23.62 -18.30
C ASN F 99 7.74 24.40 -18.00
N THR F 100 7.84 25.56 -17.35
CA THR F 100 6.63 26.29 -16.89
C THR F 100 5.66 26.56 -18.06
N ALA F 101 6.16 26.70 -19.29
CA ALA F 101 5.22 26.88 -20.43
C ALA F 101 4.31 25.67 -20.65
N LEU F 102 3.02 25.95 -20.80
CA LEU F 102 1.91 25.00 -21.13
C LEU F 102 2.28 24.19 -22.37
N PHE F 103 1.98 22.88 -22.34
CA PHE F 103 2.27 21.94 -23.45
C PHE F 103 0.95 21.35 -23.96
N GLY F 104 0.72 21.37 -25.29
CA GLY F 104 -0.55 20.81 -25.82
C GLY F 104 -0.27 20.41 -27.26
N SER F 105 -0.56 19.14 -27.59
CA SER F 105 -0.36 18.61 -28.96
C SER F 105 -0.97 17.20 -29.00
N GLY F 106 -1.03 16.61 -30.19
CA GLY F 106 -1.60 15.25 -30.33
C GLY F 106 -3.04 15.29 -30.77
N THR F 107 -3.25 15.18 -32.09
CA THR F 107 -4.54 15.13 -32.76
C THR F 107 -4.76 16.33 -33.67
#